data_2WTL
#
_entry.id   2WTL
#
_cell.length_a   125.960
_cell.length_b   125.960
_cell.length_c   175.840
_cell.angle_alpha   90.00
_cell.angle_beta   90.00
_cell.angle_gamma   90.00
#
_symmetry.space_group_name_H-M   'I 4'
#
loop_
_entity.id
_entity.type
_entity.pdbx_description
1 polymer BACTERIOFERRITIN
2 non-polymer 'FE (III) ION'
3 non-polymer 'UNKNOWN ATOM OR ION'
4 non-polymer 'UNKNOWN LIGAND'
5 water water
#
_entity_poly.entity_id   1
_entity_poly.type   'polypeptide(L)'
_entity_poly.pdbx_seq_one_letter_code
;ASGS(MSE)QGDPDVLRLLNEQLTSELTAINQYFLHSK(MSE)QDNWGFTELAAHTRAESFDE(MSE)RHAEEITDRILL
LDGLPNYQRIGSLRIGQTLREQFEADLAIEYDVLNRLKPGIV(MSE)CREKQDTTSAVLLEKIVADEEEHIDYLETQLEL
(MSE)DKLGEELYSAQCVSRPPTSAWSHPQFEK
;
_entity_poly.pdbx_strand_id   A,B,C,D,E,F
#
loop_
_chem_comp.id
_chem_comp.type
_chem_comp.name
_chem_comp.formula
FE non-polymer 'FE (III) ION' 'Fe 3'
UNL non-polymer 'UNKNOWN LIGAND' ?
UNX non-polymer 'UNKNOWN ATOM OR ION' ?
#
# COMPACT_ATOMS: atom_id res chain seq x y z
N GLN A 6 -29.49 -18.48 24.65
CA GLN A 6 -29.67 -17.79 25.92
C GLN A 6 -29.16 -18.65 27.09
N GLY A 7 -28.45 -18.01 28.02
CA GLY A 7 -28.05 -18.68 29.24
C GLY A 7 -29.17 -18.57 30.25
N ASP A 8 -29.11 -19.38 31.29
CA ASP A 8 -30.06 -19.29 32.39
C ASP A 8 -29.85 -17.97 33.12
N PRO A 9 -30.94 -17.29 33.49
CA PRO A 9 -30.87 -15.95 34.08
C PRO A 9 -30.14 -15.94 35.41
N ASP A 10 -30.23 -17.04 36.15
CA ASP A 10 -29.54 -17.15 37.44
C ASP A 10 -28.04 -17.30 37.23
N VAL A 11 -27.66 -18.06 36.21
CA VAL A 11 -26.26 -18.23 35.87
C VAL A 11 -25.65 -16.91 35.40
N LEU A 12 -26.41 -16.18 34.59
CA LEU A 12 -25.96 -14.89 34.08
C LEU A 12 -25.75 -13.88 35.21
N ARG A 13 -26.65 -13.89 36.18
CA ARG A 13 -26.52 -13.00 37.33
C ARG A 13 -25.25 -13.33 38.11
N LEU A 14 -24.99 -14.61 38.30
CA LEU A 14 -23.81 -15.04 39.05
C LEU A 14 -22.53 -14.65 38.32
N LEU A 15 -22.54 -14.81 36.99
CA LEU A 15 -21.39 -14.48 36.18
C LEU A 15 -21.07 -12.98 36.24
N ASN A 16 -22.09 -12.15 36.17
CA ASN A 16 -21.91 -10.71 36.28
C ASN A 16 -21.46 -10.27 37.66
N GLU A 17 -21.88 -11.00 38.69
CA GLU A 17 -21.42 -10.70 40.04
C GLU A 17 -19.93 -10.95 40.14
N GLN A 18 -19.49 -12.09 39.60
CA GLN A 18 -18.08 -12.44 39.62
C GLN A 18 -17.27 -11.45 38.80
N LEU A 19 -17.84 -10.99 37.68
CA LEU A 19 -17.16 -10.01 36.83
C LEU A 19 -16.93 -8.71 37.59
N THR A 20 -17.94 -8.28 38.33
CA THR A 20 -17.83 -7.08 39.16
C THR A 20 -16.70 -7.26 40.16
N SER A 21 -16.57 -8.48 40.66
CA SER A 21 -15.52 -8.81 41.62
C SER A 21 -14.15 -8.71 40.96
N GLU A 22 -14.05 -9.20 39.73
CA GLU A 22 -12.80 -9.14 38.97
C GLU A 22 -12.34 -7.70 38.76
N LEU A 23 -13.25 -6.85 38.31
CA LEU A 23 -12.93 -5.44 38.05
C LEU A 23 -12.47 -4.74 39.32
N THR A 24 -13.05 -5.10 40.45
CA THR A 24 -12.65 -4.56 41.75
C THR A 24 -11.24 -5.02 42.09
N ALA A 25 -11.00 -6.32 41.91
CA ALA A 25 -9.69 -6.92 42.20
C ALA A 25 -8.61 -6.34 41.31
N ILE A 26 -8.95 -6.10 40.04
CA ILE A 26 -8.00 -5.54 39.09
C ILE A 26 -7.53 -4.15 39.52
N ASN A 27 -8.47 -3.28 39.86
CA ASN A 27 -8.12 -1.94 40.31
C ASN A 27 -7.34 -1.95 41.62
N GLN A 28 -7.82 -2.73 42.58
CA GLN A 28 -7.16 -2.79 43.87
C GLN A 28 -5.74 -3.33 43.73
N TYR A 29 -5.59 -4.47 43.05
CA TYR A 29 -4.27 -5.07 42.90
C TYR A 29 -3.32 -4.16 42.15
N PHE A 30 -3.81 -3.54 41.07
CA PHE A 30 -2.96 -2.65 40.30
C PHE A 30 -2.52 -1.43 41.09
N LEU A 31 -3.43 -0.82 41.83
CA LEU A 31 -3.07 0.33 42.64
C LEU A 31 -2.09 -0.08 43.75
N HIS A 32 -2.35 -1.20 44.42
CA HIS A 32 -1.42 -1.67 45.45
C HIS A 32 -0.01 -1.86 44.90
N SER A 33 0.09 -2.34 43.65
CA SER A 33 1.39 -2.59 43.05
C SER A 33 2.11 -1.27 42.72
N LYS A 34 1.34 -0.25 42.31
CA LYS A 34 1.92 1.07 42.06
C LYS A 34 2.41 1.71 43.35
N MSE A 35 1.67 1.49 44.44
CA MSE A 35 2.06 2.01 45.75
C MSE A 35 3.29 1.33 46.31
O MSE A 35 4.18 1.99 46.86
CB MSE A 35 0.89 1.89 46.73
CG MSE A 35 -0.30 2.75 46.37
SE MSE A 35 -1.81 2.44 47.56
CE MSE A 35 -1.08 3.21 49.21
N GLN A 36 3.34 0.01 46.19
CA GLN A 36 4.51 -0.76 46.62
C GLN A 36 5.74 -0.33 45.82
N ASP A 37 5.57 -0.15 44.52
CA ASP A 37 6.65 0.33 43.68
C ASP A 37 7.11 1.70 44.17
N ASN A 38 6.15 2.55 44.46
CA ASN A 38 6.43 3.93 44.87
C ASN A 38 7.14 4.02 46.20
N TRP A 39 6.86 3.06 47.10
CA TRP A 39 7.51 3.01 48.41
C TRP A 39 8.94 2.49 48.35
N GLY A 40 9.32 1.91 47.21
CA GLY A 40 10.65 1.36 47.06
C GLY A 40 10.66 -0.16 46.99
N PHE A 41 9.51 -0.77 47.28
CA PHE A 41 9.39 -2.22 47.26
C PHE A 41 9.18 -2.74 45.84
N THR A 42 10.18 -2.50 45.00
CA THR A 42 10.08 -2.73 43.56
C THR A 42 10.05 -4.21 43.18
N GLU A 43 10.69 -5.05 43.99
CA GLU A 43 10.71 -6.48 43.70
C GLU A 43 9.33 -7.10 43.93
N LEU A 44 8.71 -6.72 45.05
CA LEU A 44 7.37 -7.19 45.39
C LEU A 44 6.35 -6.64 44.40
N ALA A 45 6.49 -5.36 44.05
CA ALA A 45 5.54 -4.70 43.16
C ALA A 45 5.32 -5.43 41.84
N ALA A 46 6.42 -5.95 41.28
CA ALA A 46 6.35 -6.66 40.00
C ALA A 46 5.47 -7.89 40.13
N HIS A 47 5.48 -8.49 41.32
CA HIS A 47 4.69 -9.69 41.58
C HIS A 47 3.21 -9.35 41.65
N THR A 48 2.88 -8.34 42.45
CA THR A 48 1.50 -7.87 42.59
C THR A 48 0.92 -7.40 41.26
N ARG A 49 1.75 -6.77 40.44
CA ARG A 49 1.32 -6.27 39.14
C ARG A 49 0.84 -7.44 38.26
N ALA A 50 1.55 -8.56 38.35
CA ALA A 50 1.25 -9.76 37.57
C ALA A 50 -0.07 -10.40 38.02
N GLU A 51 -0.31 -10.40 39.33
CA GLU A 51 -1.60 -10.86 39.86
C GLU A 51 -2.74 -10.06 39.27
N SER A 52 -2.51 -8.75 39.13
CA SER A 52 -3.48 -7.82 38.57
C SER A 52 -3.82 -8.14 37.12
N PHE A 53 -2.83 -8.50 36.31
CA PHE A 53 -3.06 -8.88 34.93
C PHE A 53 -3.70 -10.27 34.86
N ASP A 54 -3.49 -11.05 35.90
CA ASP A 54 -4.09 -12.38 35.98
C ASP A 54 -5.60 -12.26 36.12
N GLU A 55 -6.05 -11.29 36.92
CA GLU A 55 -7.48 -11.04 37.07
C GLU A 55 -8.07 -10.46 35.79
N MSE A 56 -7.26 -9.71 35.05
CA MSE A 56 -7.69 -9.20 33.75
C MSE A 56 -8.06 -10.35 32.84
O MSE A 56 -9.07 -10.30 32.14
CB MSE A 56 -6.61 -8.34 33.10
CG MSE A 56 -6.39 -7.02 33.79
SE MSE A 56 -5.14 -5.86 32.85
CE MSE A 56 -4.50 -4.86 34.39
N ARG A 57 -7.24 -11.40 32.84
CA ARG A 57 -7.53 -12.58 32.03
C ARG A 57 -8.84 -13.21 32.48
N HIS A 58 -9.06 -13.26 33.78
CA HIS A 58 -10.30 -13.82 34.32
C HIS A 58 -11.49 -12.97 33.87
N ALA A 59 -11.33 -11.66 33.97
CA ALA A 59 -12.36 -10.73 33.55
C ALA A 59 -12.74 -10.94 32.08
N GLU A 60 -11.76 -11.25 31.24
CA GLU A 60 -12.04 -11.43 29.81
C GLU A 60 -12.74 -12.75 29.56
N GLU A 61 -12.32 -13.79 30.26
CA GLU A 61 -12.96 -15.10 30.10
C GLU A 61 -14.44 -15.02 30.46
N ILE A 62 -14.75 -14.42 31.60
CA ILE A 62 -16.13 -14.27 32.02
C ILE A 62 -16.92 -13.43 31.01
N THR A 63 -16.34 -12.31 30.58
CA THR A 63 -16.99 -11.46 29.58
C THR A 63 -17.37 -12.30 28.37
N ASP A 64 -16.43 -13.10 27.88
CA ASP A 64 -16.66 -13.96 26.73
C ASP A 64 -17.83 -14.92 26.93
N ARG A 65 -17.84 -15.59 28.08
CA ARG A 65 -18.89 -16.54 28.41
C ARG A 65 -20.25 -15.84 28.44
N ILE A 66 -20.30 -14.69 29.13
CA ILE A 66 -21.54 -13.92 29.23
C ILE A 66 -22.07 -13.56 27.84
N LEU A 67 -21.18 -13.15 26.95
CA LEU A 67 -21.60 -12.75 25.61
C LEU A 67 -22.07 -13.94 24.79
N LEU A 68 -21.46 -15.10 25.00
CA LEU A 68 -21.84 -16.30 24.27
C LEU A 68 -23.24 -16.73 24.71
N LEU A 69 -23.61 -16.38 25.93
CA LEU A 69 -24.93 -16.75 26.46
C LEU A 69 -26.00 -15.69 26.23
N ASP A 70 -25.69 -14.72 25.38
CA ASP A 70 -26.62 -13.62 25.08
C ASP A 70 -26.82 -12.67 26.23
N GLY A 71 -25.88 -12.62 27.16
CA GLY A 71 -25.96 -11.69 28.26
C GLY A 71 -25.29 -10.36 27.95
N LEU A 72 -25.45 -9.40 28.85
CA LEU A 72 -24.74 -8.13 28.72
C LEU A 72 -23.76 -8.01 29.87
N PRO A 73 -22.46 -7.99 29.57
CA PRO A 73 -21.45 -7.87 30.63
C PRO A 73 -21.56 -6.53 31.34
N ASN A 74 -21.53 -6.55 32.66
CA ASN A 74 -21.58 -5.32 33.45
C ASN A 74 -20.20 -4.72 33.70
N TYR A 75 -19.89 -3.65 32.98
CA TYR A 75 -18.61 -2.96 33.13
C TYR A 75 -18.81 -1.61 33.80
N GLN A 76 -19.95 -1.45 34.45
CA GLN A 76 -20.38 -0.18 35.01
C GLN A 76 -20.26 -0.18 36.52
N ARG A 77 -20.47 -1.34 37.12
CA ARG A 77 -20.50 -1.49 38.56
C ARG A 77 -19.15 -1.94 39.07
N ILE A 78 -18.65 -1.28 40.11
CA ILE A 78 -17.39 -1.64 40.72
C ILE A 78 -17.59 -1.78 42.23
N GLY A 79 -16.83 -2.67 42.86
CA GLY A 79 -16.96 -2.88 44.29
C GLY A 79 -16.20 -1.85 45.08
N SER A 80 -16.28 -1.93 46.39
CA SER A 80 -15.54 -1.01 47.25
C SER A 80 -14.10 -1.46 47.39
N LEU A 81 -13.19 -0.58 47.00
CA LEU A 81 -11.77 -0.86 47.16
C LEU A 81 -11.41 -0.68 48.62
N ARG A 82 -10.63 -1.61 49.16
CA ARG A 82 -9.97 -1.37 50.42
C ARG A 82 -8.48 -1.25 50.16
N ILE A 83 -7.96 -0.04 50.34
CA ILE A 83 -6.58 0.24 50.02
C ILE A 83 -5.75 0.31 51.28
N GLY A 84 -4.78 -0.60 51.40
CA GLY A 84 -3.87 -0.62 52.54
C GLY A 84 -2.82 0.47 52.47
N GLN A 85 -2.38 0.95 53.63
CA GLN A 85 -1.37 1.99 53.70
C GLN A 85 -0.04 1.43 54.16
N THR A 86 -0.01 0.14 54.45
CA THR A 86 1.23 -0.58 54.75
C THR A 86 1.19 -1.92 54.03
N LEU A 87 2.33 -2.58 53.93
CA LEU A 87 2.40 -3.89 53.27
C LEU A 87 1.42 -4.88 53.86
N ARG A 88 1.42 -5.00 55.19
CA ARG A 88 0.52 -5.95 55.85
C ARG A 88 -0.96 -5.65 55.55
N GLU A 89 -1.33 -4.38 55.59
CA GLU A 89 -2.71 -4.00 55.29
C GLU A 89 -3.08 -4.38 53.87
N GLN A 90 -2.12 -4.23 52.96
CA GLN A 90 -2.36 -4.54 51.57
C GLN A 90 -2.63 -6.04 51.39
N PHE A 91 -1.80 -6.87 52.02
CA PHE A 91 -2.00 -8.30 51.97
C PHE A 91 -3.35 -8.70 52.56
N GLU A 92 -3.70 -8.10 53.70
CA GLU A 92 -4.98 -8.38 54.35
C GLU A 92 -6.16 -7.89 53.51
N ALA A 93 -5.99 -6.75 52.85
CA ALA A 93 -7.03 -6.19 52.01
C ALA A 93 -7.27 -7.07 50.77
N ASP A 94 -6.19 -7.55 50.17
CA ASP A 94 -6.30 -8.37 48.97
C ASP A 94 -6.88 -9.73 49.30
N LEU A 95 -6.47 -10.27 50.44
CA LEU A 95 -6.97 -11.56 50.92
C LEU A 95 -8.48 -11.53 51.13
N ALA A 96 -9.00 -10.39 51.57
CA ALA A 96 -10.43 -10.23 51.82
C ALA A 96 -11.28 -10.36 50.56
N ILE A 97 -10.81 -9.83 49.43
CA ILE A 97 -11.49 -10.01 48.16
C ILE A 97 -11.51 -11.49 47.78
N GLU A 98 -10.38 -12.16 47.96
CA GLU A 98 -10.25 -13.55 47.56
C GLU A 98 -11.23 -14.47 48.29
N TYR A 99 -11.37 -14.28 49.60
CA TYR A 99 -12.29 -15.09 50.37
C TYR A 99 -13.72 -14.87 49.88
N ASP A 100 -14.06 -13.62 49.59
CA ASP A 100 -15.39 -13.32 49.06
C ASP A 100 -15.63 -14.07 47.76
N VAL A 101 -14.59 -14.20 46.94
CA VAL A 101 -14.73 -14.93 45.68
C VAL A 101 -15.05 -16.40 45.95
N LEU A 102 -14.37 -16.99 46.94
CA LEU A 102 -14.62 -18.37 47.29
C LEU A 102 -16.04 -18.57 47.85
N ASN A 103 -16.45 -17.67 48.73
CA ASN A 103 -17.77 -17.72 49.33
C ASN A 103 -18.88 -17.68 48.30
N ARG A 104 -18.63 -17.00 47.18
CA ARG A 104 -19.65 -16.84 46.15
C ARG A 104 -19.60 -17.95 45.11
N LEU A 105 -18.38 -18.40 44.79
CA LEU A 105 -18.20 -19.33 43.67
C LEU A 105 -18.45 -20.80 44.03
N LYS A 106 -18.16 -21.17 45.28
CA LYS A 106 -18.39 -22.54 45.70
C LYS A 106 -19.86 -22.94 45.50
N PRO A 107 -20.79 -22.18 46.10
CA PRO A 107 -22.20 -22.52 45.89
C PRO A 107 -22.57 -22.31 44.44
N GLY A 108 -21.98 -21.30 43.82
CA GLY A 108 -22.26 -20.97 42.43
C GLY A 108 -22.03 -22.13 41.49
N ILE A 109 -20.92 -22.83 41.68
CA ILE A 109 -20.57 -23.94 40.80
C ILE A 109 -21.63 -25.03 40.86
N VAL A 110 -22.07 -25.37 42.06
CA VAL A 110 -23.06 -26.42 42.24
C VAL A 110 -24.36 -26.08 41.52
N MSE A 111 -24.74 -24.81 41.60
CA MSE A 111 -25.94 -24.33 40.94
C MSE A 111 -25.83 -24.43 39.41
O MSE A 111 -26.74 -24.89 38.73
CB MSE A 111 -26.20 -22.89 41.36
CG MSE A 111 -27.57 -22.38 41.01
SE MSE A 111 -27.51 -20.49 40.52
CE MSE A 111 -26.92 -20.78 38.68
N CYS A 112 -24.69 -23.99 38.87
CA CYS A 112 -24.43 -24.06 37.44
C CYS A 112 -24.60 -25.47 36.90
N ARG A 113 -24.13 -26.45 37.64
CA ARG A 113 -24.27 -27.84 37.24
C ARG A 113 -25.71 -28.33 37.37
N GLU A 114 -26.45 -27.76 38.33
CA GLU A 114 -27.87 -28.08 38.49
C GLU A 114 -28.69 -27.55 37.33
N LYS A 115 -28.20 -26.49 36.69
CA LYS A 115 -28.92 -25.84 35.61
C LYS A 115 -28.49 -26.35 34.24
N GLN A 116 -27.67 -27.41 34.21
CA GLN A 116 -27.21 -27.99 32.96
C GLN A 116 -26.10 -27.18 32.28
N ASP A 117 -25.46 -26.26 32.99
CA ASP A 117 -24.41 -25.42 32.39
C ASP A 117 -23.01 -25.78 32.87
N THR A 118 -22.43 -26.82 32.26
CA THR A 118 -21.12 -27.31 32.69
C THR A 118 -19.99 -26.40 32.25
N THR A 119 -20.12 -25.77 31.09
CA THR A 119 -19.07 -24.89 30.59
C THR A 119 -18.85 -23.69 31.50
N SER A 120 -19.93 -23.06 31.95
CA SER A 120 -19.84 -21.99 32.94
C SER A 120 -19.28 -22.52 34.25
N ALA A 121 -19.65 -23.74 34.60
CA ALA A 121 -19.18 -24.36 35.83
C ALA A 121 -17.68 -24.61 35.79
N VAL A 122 -17.21 -25.18 34.69
CA VAL A 122 -15.79 -25.47 34.52
C VAL A 122 -14.96 -24.18 34.54
N LEU A 123 -15.46 -23.14 33.88
CA LEU A 123 -14.83 -21.83 33.93
C LEU A 123 -14.61 -21.38 35.37
N LEU A 124 -15.66 -21.52 36.18
CA LEU A 124 -15.61 -21.09 37.57
C LEU A 124 -14.76 -22.03 38.43
N GLU A 125 -14.79 -23.32 38.11
CA GLU A 125 -13.92 -24.28 38.79
C GLU A 125 -12.45 -23.87 38.63
N LYS A 126 -12.08 -23.50 37.41
CA LYS A 126 -10.72 -23.06 37.14
C LYS A 126 -10.35 -21.79 37.92
N ILE A 127 -11.31 -20.87 38.05
CA ILE A 127 -11.08 -19.64 38.82
C ILE A 127 -10.89 -19.91 40.31
N VAL A 128 -11.71 -20.80 40.86
CA VAL A 128 -11.56 -21.21 42.24
C VAL A 128 -10.15 -21.78 42.49
N ALA A 129 -9.71 -22.66 41.60
CA ALA A 129 -8.36 -23.23 41.71
C ALA A 129 -7.30 -22.13 41.74
N ASP A 130 -7.42 -21.14 40.86
CA ASP A 130 -6.47 -20.03 40.81
C ASP A 130 -6.45 -19.22 42.09
N GLU A 131 -7.63 -18.85 42.59
CA GLU A 131 -7.70 -17.99 43.77
C GLU A 131 -7.19 -18.72 45.01
N GLU A 132 -7.48 -20.01 45.08
CA GLU A 132 -6.98 -20.82 46.18
C GLU A 132 -5.46 -20.70 46.27
N GLU A 133 -4.80 -20.68 45.12
CA GLU A 133 -3.35 -20.55 45.08
C GLU A 133 -2.89 -19.15 45.47
N HIS A 134 -3.66 -18.13 45.09
CA HIS A 134 -3.31 -16.77 45.45
C HIS A 134 -3.54 -16.50 46.93
N ILE A 135 -4.61 -17.06 47.49
CA ILE A 135 -4.87 -16.97 48.93
C ILE A 135 -3.69 -17.56 49.71
N ASP A 136 -3.25 -18.75 49.28
CA ASP A 136 -2.11 -19.40 49.90
C ASP A 136 -0.88 -18.50 49.89
N TYR A 137 -0.63 -17.87 48.74
CA TYR A 137 0.50 -16.95 48.63
C TYR A 137 0.40 -15.83 49.65
N LEU A 138 -0.76 -15.17 49.69
CA LEU A 138 -1.01 -14.07 50.61
C LEU A 138 -0.91 -14.49 52.08
N GLU A 139 -1.53 -15.62 52.42
CA GLU A 139 -1.45 -16.14 53.78
C GLU A 139 -0.01 -16.47 54.17
N THR A 140 0.76 -16.97 53.21
CA THR A 140 2.15 -17.32 53.45
C THR A 140 3.01 -16.08 53.69
N GLN A 141 2.71 -14.99 52.98
CA GLN A 141 3.46 -13.75 53.17
C GLN A 141 3.22 -13.21 54.58
N LEU A 142 1.98 -13.29 55.05
CA LEU A 142 1.65 -12.82 56.39
C LEU A 142 2.35 -13.64 57.47
N GLU A 143 2.42 -14.96 57.26
CA GLU A 143 3.17 -15.84 58.14
C GLU A 143 4.66 -15.49 58.14
N LEU A 144 5.18 -15.09 56.99
CA LEU A 144 6.59 -14.75 56.90
C LEU A 144 6.93 -13.46 57.62
N MSE A 145 6.01 -12.49 57.59
CA MSE A 145 6.23 -11.24 58.30
C MSE A 145 6.38 -11.46 59.81
O MSE A 145 7.19 -10.81 60.45
CB MSE A 145 5.10 -10.25 58.03
CG MSE A 145 5.26 -9.53 56.72
SE MSE A 145 3.84 -8.26 56.39
CE MSE A 145 4.28 -6.93 57.73
N ASP A 146 5.59 -12.37 60.36
CA ASP A 146 5.68 -12.73 61.77
C ASP A 146 6.95 -13.50 62.09
N LYS A 147 7.37 -14.37 61.19
CA LYS A 147 8.57 -15.17 61.43
C LYS A 147 9.85 -14.34 61.27
N LEU A 148 9.88 -13.49 60.25
CA LEU A 148 11.06 -12.69 59.96
C LEU A 148 11.05 -11.36 60.71
N GLY A 149 9.86 -10.86 61.02
CA GLY A 149 9.71 -9.49 61.46
C GLY A 149 9.47 -8.66 60.23
N GLU A 150 8.72 -7.57 60.36
CA GLU A 150 8.34 -6.75 59.22
C GLU A 150 9.52 -6.11 58.51
N GLU A 151 10.45 -5.56 59.29
CA GLU A 151 11.63 -4.93 58.73
C GLU A 151 12.43 -5.90 57.86
N LEU A 152 12.69 -7.09 58.42
CA LEU A 152 13.49 -8.09 57.74
C LEU A 152 12.78 -8.64 56.50
N TYR A 153 11.45 -8.77 56.59
CA TYR A 153 10.68 -9.22 55.44
C TYR A 153 10.69 -8.16 54.34
N SER A 154 10.49 -6.90 54.72
CA SER A 154 10.47 -5.80 53.77
C SER A 154 11.78 -5.69 52.99
N ALA A 155 12.88 -5.99 53.66
CA ALA A 155 14.19 -5.91 53.05
C ALA A 155 14.33 -6.92 51.92
N GLN A 156 13.54 -7.97 51.97
CA GLN A 156 13.52 -8.98 50.91
C GLN A 156 12.73 -8.50 49.70
N CYS A 157 12.06 -7.37 49.84
CA CYS A 157 11.18 -6.87 48.79
C CYS A 157 11.80 -5.73 48.01
N VAL A 158 13.00 -5.33 48.41
CA VAL A 158 13.73 -4.27 47.72
C VAL A 158 14.80 -4.87 46.81
N SER A 159 15.31 -4.06 45.89
CA SER A 159 16.44 -4.46 45.04
C SER A 159 17.76 -4.12 45.73
N ARG A 160 18.87 -4.54 45.11
CA ARG A 160 20.20 -4.20 45.61
C ARG A 160 20.97 -3.46 44.54
N PRO A 161 21.13 -2.14 44.70
CA PRO A 161 20.63 -1.38 45.86
C PRO A 161 19.15 -1.05 45.66
N PRO A 162 18.49 -0.57 46.72
CA PRO A 162 17.08 -0.20 46.58
C PRO A 162 16.89 0.89 45.52
N THR A 163 15.75 0.87 44.84
CA THR A 163 15.47 1.89 43.85
C THR A 163 14.11 2.53 44.11
N SER A 164 13.39 2.85 43.05
CA SER A 164 12.08 3.47 43.16
C SER A 164 11.31 3.27 41.87
N ALA A 165 10.16 3.91 41.75
CA ALA A 165 9.33 3.75 40.56
C ALA A 165 9.96 4.41 39.32
N TRP A 166 11.20 4.88 39.46
CA TRP A 166 11.90 5.54 38.36
C TRP A 166 13.42 5.41 38.49
N GLN B 6 4.68 17.81 47.40
CA GLN B 6 3.24 17.89 47.17
C GLN B 6 2.92 18.60 45.87
N GLY B 7 1.80 18.21 45.26
CA GLY B 7 1.33 18.91 44.09
C GLY B 7 0.24 19.90 44.48
N ASP B 8 -0.01 20.87 43.61
CA ASP B 8 -1.11 21.78 43.81
C ASP B 8 -2.42 20.98 43.81
N PRO B 9 -3.27 21.20 44.83
CA PRO B 9 -4.52 20.46 44.99
C PRO B 9 -5.43 20.57 43.75
N ASP B 10 -5.35 21.68 43.04
CA ASP B 10 -6.16 21.86 41.85
C ASP B 10 -5.66 21.02 40.68
N VAL B 11 -4.34 20.96 40.52
CA VAL B 11 -3.71 20.09 39.54
C VAL B 11 -4.03 18.63 39.88
N LEU B 12 -3.87 18.28 41.15
CA LEU B 12 -4.16 16.92 41.61
C LEU B 12 -5.60 16.53 41.32
N ARG B 13 -6.51 17.47 41.55
CA ARG B 13 -7.93 17.24 41.29
C ARG B 13 -8.20 17.07 39.78
N LEU B 14 -7.46 17.82 38.96
CA LEU B 14 -7.59 17.68 37.51
C LEU B 14 -7.07 16.34 37.03
N LEU B 15 -5.93 15.92 37.57
CA LEU B 15 -5.33 14.65 37.19
C LEU B 15 -6.25 13.48 37.56
N ASN B 16 -6.79 13.50 38.77
CA ASN B 16 -7.71 12.45 39.20
C ASN B 16 -8.98 12.41 38.36
N GLU B 17 -9.45 13.60 37.97
CA GLU B 17 -10.63 13.70 37.12
C GLU B 17 -10.38 13.08 35.76
N GLN B 18 -9.21 13.35 35.17
CA GLN B 18 -8.83 12.76 33.90
C GLN B 18 -8.62 11.26 34.05
N LEU B 19 -8.10 10.84 35.19
CA LEU B 19 -7.93 9.43 35.48
C LEU B 19 -9.28 8.69 35.46
N THR B 20 -10.30 9.30 36.05
CA THR B 20 -11.64 8.72 36.03
C THR B 20 -12.15 8.57 34.60
N SER B 21 -11.85 9.55 33.77
CA SER B 21 -12.24 9.51 32.38
C SER B 21 -11.55 8.36 31.64
N GLU B 22 -10.28 8.13 31.95
CA GLU B 22 -9.52 7.04 31.33
C GLU B 22 -10.15 5.70 31.67
N LEU B 23 -10.45 5.48 32.94
CA LEU B 23 -11.04 4.22 33.38
C LEU B 23 -12.37 3.97 32.70
N THR B 24 -13.15 5.03 32.52
CA THR B 24 -14.41 4.94 31.80
C THR B 24 -14.16 4.51 30.35
N ALA B 25 -13.28 5.23 29.66
CA ALA B 25 -12.97 4.93 28.26
C ALA B 25 -12.43 3.51 28.09
N ILE B 26 -11.60 3.07 29.03
CA ILE B 26 -11.05 1.72 28.96
C ILE B 26 -12.16 0.68 28.95
N ASN B 27 -13.06 0.77 29.93
CA ASN B 27 -14.23 -0.10 30.01
C ASN B 27 -15.10 -0.05 28.76
N GLN B 28 -15.45 1.16 28.34
CA GLN B 28 -16.31 1.34 27.18
C GLN B 28 -15.68 0.82 25.91
N TYR B 29 -14.40 1.11 25.70
CA TYR B 29 -13.72 0.68 24.49
C TYR B 29 -13.53 -0.83 24.47
N PHE B 30 -13.16 -1.41 25.60
CA PHE B 30 -12.94 -2.84 25.67
C PHE B 30 -14.22 -3.62 25.45
N LEU B 31 -15.28 -3.22 26.14
CA LEU B 31 -16.58 -3.86 25.95
C LEU B 31 -17.02 -3.75 24.48
N HIS B 32 -16.93 -2.55 23.91
CA HIS B 32 -17.30 -2.39 22.50
C HIS B 32 -16.52 -3.35 21.62
N SER B 33 -15.23 -3.50 21.90
CA SER B 33 -14.39 -4.35 21.06
C SER B 33 -14.87 -5.79 21.13
N LYS B 34 -15.29 -6.23 22.32
CA LYS B 34 -15.79 -7.59 22.50
C LYS B 34 -17.13 -7.76 21.79
N MSE B 35 -17.96 -6.74 21.84
CA MSE B 35 -19.24 -6.76 21.14
C MSE B 35 -19.06 -6.81 19.63
O MSE B 35 -19.76 -7.55 18.93
CB MSE B 35 -20.10 -5.56 21.54
CG MSE B 35 -20.58 -5.60 22.97
SE MSE B 35 -21.58 -4.01 23.49
CE MSE B 35 -23.15 -4.22 22.35
N GLN B 36 -18.12 -6.02 19.13
CA GLN B 36 -17.78 -6.03 17.70
C GLN B 36 -17.24 -7.40 17.29
N ASP B 37 -16.35 -7.95 18.11
CA ASP B 37 -15.82 -9.28 17.88
C ASP B 37 -16.98 -10.29 17.80
N ASN B 38 -17.91 -10.16 18.73
CA ASN B 38 -19.02 -11.08 18.87
C ASN B 38 -20.08 -10.92 17.77
N TRP B 39 -20.07 -9.80 17.08
CA TRP B 39 -21.01 -9.56 15.98
C TRP B 39 -20.51 -10.13 14.67
N GLY B 40 -19.21 -10.39 14.60
CA GLY B 40 -18.58 -10.89 13.39
C GLY B 40 -17.59 -9.89 12.81
N PHE B 41 -17.58 -8.69 13.37
CA PHE B 41 -16.72 -7.62 12.90
C PHE B 41 -15.35 -7.72 13.54
N THR B 42 -14.65 -8.79 13.19
CA THR B 42 -13.41 -9.18 13.85
C THR B 42 -12.21 -8.28 13.50
N GLU B 43 -12.16 -7.78 12.26
CA GLU B 43 -11.07 -6.92 11.83
C GLU B 43 -11.16 -5.57 12.54
N LEU B 44 -12.39 -5.06 12.64
CA LEU B 44 -12.62 -3.82 13.37
C LEU B 44 -12.32 -3.99 14.86
N ALA B 45 -12.81 -5.09 15.43
CA ALA B 45 -12.63 -5.38 16.86
C ALA B 45 -11.18 -5.26 17.30
N ALA B 46 -10.27 -5.79 16.48
CA ALA B 46 -8.85 -5.80 16.82
C ALA B 46 -8.34 -4.39 16.99
N HIS B 47 -8.86 -3.48 16.18
CA HIS B 47 -8.45 -2.08 16.21
C HIS B 47 -8.95 -1.40 17.49
N THR B 48 -10.22 -1.62 17.81
CA THR B 48 -10.83 -1.03 18.99
C THR B 48 -10.18 -1.58 20.26
N ARG B 49 -9.81 -2.85 20.23
CA ARG B 49 -9.11 -3.45 21.36
C ARG B 49 -7.81 -2.69 21.61
N ALA B 50 -7.10 -2.34 20.55
CA ALA B 50 -5.83 -1.63 20.66
C ALA B 50 -6.01 -0.25 21.28
N GLU B 51 -7.06 0.46 20.88
CA GLU B 51 -7.34 1.77 21.44
C GLU B 51 -7.59 1.68 22.93
N SER B 52 -8.16 0.55 23.34
CA SER B 52 -8.45 0.29 24.75
C SER B 52 -7.19 0.18 25.59
N PHE B 53 -6.14 -0.43 25.03
CA PHE B 53 -4.87 -0.59 25.73
C PHE B 53 -4.08 0.73 25.72
N ASP B 54 -4.38 1.58 24.76
CA ASP B 54 -3.79 2.91 24.72
C ASP B 54 -4.23 3.71 25.92
N GLU B 55 -5.53 3.68 26.20
CA GLU B 55 -6.07 4.39 27.33
C GLU B 55 -5.53 3.81 28.63
N MSE B 56 -5.21 2.52 28.60
CA MSE B 56 -4.60 1.87 29.75
C MSE B 56 -3.24 2.48 30.06
O MSE B 56 -2.89 2.73 31.21
CB MSE B 56 -4.43 0.38 29.51
CG MSE B 56 -5.72 -0.41 29.51
SE MSE B 56 -5.40 -2.33 29.60
CE MSE B 56 -7.08 -2.92 28.79
N ARG B 57 -2.46 2.74 29.00
CA ARG B 57 -1.16 3.37 29.17
C ARG B 57 -1.31 4.78 29.71
N HIS B 58 -2.30 5.51 29.19
CA HIS B 58 -2.60 6.86 29.69
C HIS B 58 -2.93 6.81 31.17
N ALA B 59 -3.84 5.91 31.52
CA ALA B 59 -4.22 5.72 32.92
C ALA B 59 -2.99 5.49 33.81
N GLU B 60 -2.02 4.70 33.33
CA GLU B 60 -0.84 4.39 34.14
C GLU B 60 0.06 5.60 34.31
N GLU B 61 0.22 6.38 33.25
CA GLU B 61 1.07 7.56 33.28
C GLU B 61 0.52 8.59 34.27
N ILE B 62 -0.79 8.79 34.25
CA ILE B 62 -1.45 9.70 35.17
C ILE B 62 -1.29 9.21 36.61
N THR B 63 -1.50 7.91 36.82
CA THR B 63 -1.31 7.33 38.14
C THR B 63 0.08 7.65 38.67
N ASP B 64 1.08 7.48 37.82
CA ASP B 64 2.47 7.77 38.16
C ASP B 64 2.66 9.22 38.59
N ARG B 65 2.22 10.14 37.73
CA ARG B 65 2.33 11.56 38.02
C ARG B 65 1.67 11.89 39.35
N ILE B 66 0.46 11.39 39.54
CA ILE B 66 -0.27 11.61 40.79
C ILE B 66 0.54 11.10 42.00
N LEU B 67 1.04 9.87 41.92
CA LEU B 67 1.82 9.30 43.02
C LEU B 67 3.07 10.14 43.30
N LEU B 68 3.73 10.58 42.23
CA LEU B 68 4.92 11.42 42.35
C LEU B 68 4.58 12.72 43.05
N LEU B 69 3.42 13.28 42.72
CA LEU B 69 2.96 14.52 43.34
C LEU B 69 2.38 14.28 44.72
N ASP B 70 2.49 13.05 45.19
CA ASP B 70 2.16 12.73 46.58
C ASP B 70 0.66 12.73 46.84
N GLY B 71 -0.13 12.49 45.80
CA GLY B 71 -1.57 12.40 45.93
C GLY B 71 -2.06 10.96 45.93
N LEU B 72 -3.36 10.79 45.99
N LEU B 72 -3.34 10.69 46.02
CA LEU B 72 -3.96 9.45 45.98
CA LEU B 72 -3.94 9.36 46.00
C LEU B 72 -4.76 9.22 44.70
C LEU B 72 -4.73 9.13 44.73
N PRO B 73 -4.29 8.30 43.86
CA PRO B 73 -4.98 8.00 42.60
C PRO B 73 -6.35 7.38 42.87
N ASN B 74 -7.38 7.90 42.20
CA ASN B 74 -8.73 7.42 42.39
C ASN B 74 -9.08 6.28 41.43
N TYR B 75 -9.11 5.05 41.96
CA TYR B 75 -9.50 3.89 41.18
C TYR B 75 -10.88 3.37 41.57
N GLN B 76 -11.61 4.18 42.33
CA GLN B 76 -12.88 3.76 42.87
C GLN B 76 -14.04 4.20 41.99
N ARG B 77 -13.82 5.29 41.28
CA ARG B 77 -14.88 5.95 40.52
C ARG B 77 -14.81 5.63 39.04
N ILE B 78 -15.94 5.19 38.47
CA ILE B 78 -16.08 5.04 37.03
C ILE B 78 -17.18 5.97 36.56
N GLY B 79 -17.01 6.56 35.39
CA GLY B 79 -18.01 7.47 34.86
C GLY B 79 -19.16 6.68 34.25
N SER B 80 -20.04 7.38 33.56
CA SER B 80 -21.20 6.73 32.95
C SER B 80 -20.87 6.15 31.58
N LEU B 81 -20.90 4.82 31.48
CA LEU B 81 -20.72 4.14 30.21
C LEU B 81 -21.92 4.38 29.32
N ARG B 82 -21.66 4.72 28.06
CA ARG B 82 -22.71 4.71 27.06
C ARG B 82 -22.35 3.67 26.00
N ILE B 83 -23.13 2.60 25.96
CA ILE B 83 -22.80 1.44 25.14
C ILE B 83 -23.69 1.36 23.90
N GLY B 84 -23.06 1.35 22.73
CA GLY B 84 -23.77 1.29 21.47
C GLY B 84 -24.25 -0.11 21.10
N GLN B 85 -25.41 -0.19 20.48
CA GLN B 85 -25.99 -1.46 20.06
C GLN B 85 -25.86 -1.64 18.55
N THR B 86 -25.20 -0.67 17.92
CA THR B 86 -24.86 -0.74 16.50
C THR B 86 -23.48 -0.14 16.35
N LEU B 87 -22.82 -0.39 15.21
CA LEU B 87 -21.49 0.16 14.98
C LEU B 87 -21.52 1.69 15.06
N ARG B 88 -22.45 2.30 14.34
CA ARG B 88 -22.56 3.75 14.33
C ARG B 88 -22.74 4.32 15.74
N GLU B 89 -23.57 3.67 16.55
CA GLU B 89 -23.77 4.10 17.93
C GLU B 89 -22.49 4.00 18.73
N GLN B 90 -21.73 2.93 18.50
CA GLN B 90 -20.46 2.76 19.21
C GLN B 90 -19.46 3.85 18.86
N PHE B 91 -19.35 4.19 17.58
CA PHE B 91 -18.46 5.26 17.16
C PHE B 91 -18.88 6.58 17.80
N GLU B 92 -20.18 6.83 17.83
CA GLU B 92 -20.69 8.06 18.42
C GLU B 92 -20.51 8.10 19.93
N ALA B 93 -20.79 6.99 20.61
CA ALA B 93 -20.59 6.90 22.04
C ALA B 93 -19.12 7.14 22.40
N ASP B 94 -18.22 6.57 21.61
CA ASP B 94 -16.78 6.69 21.87
C ASP B 94 -16.28 8.11 21.59
N LEU B 95 -16.85 8.73 20.57
CA LEU B 95 -16.50 10.09 20.19
C LEU B 95 -16.93 11.07 21.28
N ALA B 96 -18.12 10.83 21.85
CA ALA B 96 -18.66 11.67 22.90
C ALA B 96 -17.69 11.81 24.07
N ILE B 97 -17.13 10.69 24.51
CA ILE B 97 -16.20 10.70 25.63
C ILE B 97 -14.89 11.40 25.27
N GLU B 98 -14.48 11.32 24.01
CA GLU B 98 -13.26 11.98 23.57
C GLU B 98 -13.39 13.49 23.58
N TYR B 99 -14.60 13.98 23.28
CA TYR B 99 -14.87 15.42 23.30
C TYR B 99 -14.84 15.98 24.71
N ASP B 100 -15.35 15.22 25.68
CA ASP B 100 -15.27 15.64 27.07
C ASP B 100 -13.81 15.84 27.48
N VAL B 101 -12.95 14.91 27.08
CA VAL B 101 -11.53 15.01 27.40
C VAL B 101 -10.96 16.33 26.91
N LEU B 102 -11.14 16.63 25.63
CA LEU B 102 -10.65 17.88 25.08
C LEU B 102 -11.20 19.08 25.86
N ASN B 103 -12.48 19.00 26.22
CA ASN B 103 -13.11 20.09 26.95
C ASN B 103 -12.54 20.29 28.35
N ARG B 104 -12.11 19.19 28.97
CA ARG B 104 -11.52 19.28 30.31
C ARG B 104 -10.04 19.66 30.27
N LEU B 105 -9.31 19.08 29.32
CA LEU B 105 -7.86 19.21 29.29
C LEU B 105 -7.36 20.54 28.73
N LYS B 106 -8.07 21.09 27.75
CA LYS B 106 -7.66 22.34 27.14
C LYS B 106 -7.46 23.45 28.19
N PRO B 107 -8.50 23.76 28.99
CA PRO B 107 -8.31 24.76 30.03
C PRO B 107 -7.34 24.24 31.09
N GLY B 108 -7.34 22.93 31.30
CA GLY B 108 -6.52 22.30 32.31
C GLY B 108 -5.03 22.55 32.15
N ILE B 109 -4.55 22.44 30.92
CA ILE B 109 -3.13 22.63 30.62
C ILE B 109 -2.69 24.05 30.94
N VAL B 110 -3.50 25.01 30.52
CA VAL B 110 -3.20 26.41 30.76
C VAL B 110 -3.01 26.64 32.24
N MSE B 111 -3.89 26.05 33.04
CA MSE B 111 -3.84 26.27 34.47
C MSE B 111 -2.63 25.57 35.11
O MSE B 111 -1.99 26.13 36.00
CB MSE B 111 -5.15 25.82 35.12
CG MSE B 111 -5.09 24.45 35.71
SE MSE B 111 -6.07 24.39 37.37
CE MSE B 111 -4.58 23.67 38.41
N CYS B 112 -2.33 24.36 34.66
CA CYS B 112 -1.12 23.67 35.11
C CYS B 112 0.12 24.55 34.95
N ARG B 113 0.20 25.24 33.82
CA ARG B 113 1.33 26.11 33.55
C ARG B 113 1.31 27.37 34.41
N GLU B 114 0.11 27.88 34.69
CA GLU B 114 -0.04 29.00 35.62
C GLU B 114 0.42 28.59 37.02
N LYS B 115 0.11 27.35 37.38
CA LYS B 115 0.54 26.81 38.67
C LYS B 115 2.01 26.43 38.65
N GLN B 116 2.63 26.59 37.48
CA GLN B 116 4.05 26.30 37.30
C GLN B 116 4.40 24.83 37.41
N ASP B 117 3.42 23.96 37.12
CA ASP B 117 3.66 22.52 37.04
C ASP B 117 3.73 22.07 35.57
N THR B 118 4.91 22.19 34.96
CA THR B 118 5.03 21.94 33.53
C THR B 118 5.08 20.45 33.22
N THR B 119 5.59 19.66 34.15
CA THR B 119 5.68 18.23 33.89
C THR B 119 4.27 17.64 33.74
N SER B 120 3.35 18.09 34.60
CA SER B 120 1.96 17.69 34.49
C SER B 120 1.35 18.22 33.21
N ALA B 121 1.71 19.45 32.85
CA ALA B 121 1.19 20.08 31.64
C ALA B 121 1.58 19.31 30.40
N VAL B 122 2.85 18.93 30.32
CA VAL B 122 3.36 18.19 29.17
C VAL B 122 2.67 16.84 29.04
N LEU B 123 2.42 16.17 30.17
CA LEU B 123 1.72 14.89 30.14
C LEU B 123 0.33 15.07 29.52
N LEU B 124 -0.36 16.14 29.91
CA LEU B 124 -1.70 16.39 29.38
C LEU B 124 -1.65 16.88 27.92
N GLU B 125 -0.63 17.64 27.57
CA GLU B 125 -0.45 18.06 26.18
C GLU B 125 -0.32 16.85 25.26
N LYS B 126 0.42 15.85 25.71
CA LYS B 126 0.61 14.63 24.92
C LYS B 126 -0.71 13.86 24.78
N ILE B 127 -1.48 13.82 25.86
CA ILE B 127 -2.77 13.13 25.83
C ILE B 127 -3.73 13.78 24.84
N VAL B 128 -3.78 15.11 24.86
CA VAL B 128 -4.62 15.85 23.92
C VAL B 128 -4.25 15.49 22.48
N ALA B 129 -2.95 15.47 22.21
CA ALA B 129 -2.44 15.10 20.89
C ALA B 129 -2.96 13.73 20.45
N ASP B 130 -2.91 12.77 21.36
CA ASP B 130 -3.35 11.41 21.06
C ASP B 130 -4.86 11.33 20.80
N GLU B 131 -5.63 12.08 21.57
CA GLU B 131 -7.09 12.01 21.46
C GLU B 131 -7.60 12.72 20.21
N GLU B 132 -6.88 13.75 19.76
CA GLU B 132 -7.26 14.45 18.55
C GLU B 132 -7.15 13.52 17.36
N GLU B 133 -6.18 12.61 17.41
CA GLU B 133 -5.97 11.66 16.34
C GLU B 133 -7.03 10.58 16.36
N HIS B 134 -7.49 10.23 17.55
CA HIS B 134 -8.56 9.25 17.68
C HIS B 134 -9.91 9.85 17.27
N ILE B 135 -10.16 11.08 17.70
CA ILE B 135 -11.37 11.80 17.28
C ILE B 135 -11.44 11.82 15.76
N ASP B 136 -10.32 12.14 15.13
CA ASP B 136 -10.24 12.18 13.68
C ASP B 136 -10.52 10.81 13.05
N TYR B 137 -9.94 9.76 13.63
CA TYR B 137 -10.21 8.40 13.17
C TYR B 137 -11.70 8.08 13.23
N LEU B 138 -12.32 8.37 14.38
CA LEU B 138 -13.74 8.07 14.61
C LEU B 138 -14.66 8.86 13.69
N GLU B 139 -14.40 10.16 13.55
CA GLU B 139 -15.19 11.00 12.68
C GLU B 139 -15.09 10.56 11.22
N THR B 140 -13.90 10.10 10.84
CA THR B 140 -13.65 9.58 9.50
C THR B 140 -14.44 8.29 9.23
N GLN B 141 -14.57 7.45 10.24
CA GLN B 141 -15.34 6.23 10.10
C GLN B 141 -16.81 6.55 9.86
N LEU B 142 -17.32 7.51 10.61
CA LEU B 142 -18.71 7.94 10.48
C LEU B 142 -18.95 8.50 9.09
N GLU B 143 -17.98 9.24 8.59
CA GLU B 143 -18.01 9.83 7.27
C GLU B 143 -18.01 8.74 6.19
N LEU B 144 -17.20 7.71 6.40
CA LEU B 144 -17.13 6.57 5.49
C LEU B 144 -18.43 5.77 5.43
N MSE B 145 -19.13 5.70 6.56
CA MSE B 145 -20.39 4.95 6.58
C MSE B 145 -21.42 5.61 5.67
O MSE B 145 -22.19 4.93 5.02
CB MSE B 145 -20.93 4.85 8.00
CG MSE B 145 -20.16 3.88 8.88
SE MSE B 145 -21.02 3.60 10.61
CE MSE B 145 -22.50 2.48 10.05
N ASP B 146 -21.40 6.94 5.64
CA ASP B 146 -22.33 7.68 4.80
C ASP B 146 -21.93 7.58 3.32
N LYS B 147 -20.64 7.61 3.05
CA LYS B 147 -20.14 7.54 1.68
C LYS B 147 -20.33 6.16 1.08
N LEU B 148 -20.03 5.13 1.85
CA LEU B 148 -20.10 3.76 1.34
C LEU B 148 -21.47 3.13 1.56
N GLY B 149 -22.15 3.57 2.62
CA GLY B 149 -23.36 2.91 3.06
C GLY B 149 -23.00 2.03 4.23
N GLU B 150 -23.97 1.72 5.08
CA GLU B 150 -23.73 0.91 6.27
C GLU B 150 -23.27 -0.53 5.96
N GLU B 151 -24.00 -1.23 5.09
CA GLU B 151 -23.65 -2.60 4.75
C GLU B 151 -22.26 -2.68 4.14
N LEU B 152 -22.00 -1.84 3.15
CA LEU B 152 -20.74 -1.87 2.43
C LEU B 152 -19.58 -1.55 3.35
N TYR B 153 -19.79 -0.60 4.27
CA TYR B 153 -18.76 -0.29 5.24
C TYR B 153 -18.56 -1.47 6.18
N SER B 154 -19.67 -2.07 6.60
CA SER B 154 -19.61 -3.18 7.55
C SER B 154 -18.83 -4.36 6.98
N ALA B 155 -18.99 -4.59 5.68
CA ALA B 155 -18.33 -5.72 5.03
C ALA B 155 -16.81 -5.55 4.98
N GLN B 156 -16.34 -4.32 5.17
CA GLN B 156 -14.90 -4.07 5.22
C GLN B 156 -14.34 -4.38 6.61
N CYS B 157 -15.22 -4.79 7.52
CA CYS B 157 -14.84 -5.01 8.91
C CYS B 157 -14.91 -6.47 9.31
N VAL B 158 -15.23 -7.33 8.34
CA VAL B 158 -15.24 -8.77 8.56
C VAL B 158 -14.02 -9.39 7.88
N SER B 159 -13.72 -10.64 8.24
CA SER B 159 -12.66 -11.36 7.55
C SER B 159 -13.21 -12.15 6.35
N ARG B 160 -12.32 -12.76 5.58
CA ARG B 160 -12.71 -13.59 4.45
C ARG B 160 -12.18 -15.00 4.67
N PRO B 161 -13.08 -15.97 4.95
CA PRO B 161 -14.51 -15.72 5.09
C PRO B 161 -14.78 -15.04 6.42
N PRO B 162 -16.01 -14.55 6.62
CA PRO B 162 -16.34 -13.98 7.92
C PRO B 162 -16.17 -15.04 9.01
N THR B 163 -15.79 -14.61 10.20
CA THR B 163 -15.58 -15.55 11.29
C THR B 163 -16.31 -15.09 12.57
N SER B 164 -15.89 -15.59 13.72
CA SER B 164 -16.53 -15.18 14.97
C SER B 164 -15.50 -14.99 16.08
N ALA B 165 -15.97 -14.61 17.26
CA ALA B 165 -15.08 -14.41 18.40
C ALA B 165 -14.37 -15.71 18.78
N TRP B 166 -14.95 -16.83 18.39
CA TRP B 166 -14.41 -18.14 18.73
C TRP B 166 -14.37 -19.07 17.51
N GLN C 6 24.45 28.62 -24.43
CA GLN C 6 24.82 27.36 -25.05
C GLN C 6 23.61 26.58 -25.56
N GLY C 7 22.50 26.68 -24.83
CA GLY C 7 21.26 26.03 -25.23
C GLY C 7 20.35 26.96 -26.00
N ASP C 8 19.64 26.41 -26.98
CA ASP C 8 18.70 27.18 -27.80
C ASP C 8 17.57 27.78 -26.96
N PRO C 9 17.32 29.09 -27.15
CA PRO C 9 16.37 29.84 -26.32
C PRO C 9 14.97 29.26 -26.36
N ASP C 10 14.58 28.72 -27.51
CA ASP C 10 13.25 28.13 -27.67
C ASP C 10 13.15 26.81 -26.92
N VAL C 11 14.18 25.98 -27.03
CA VAL C 11 14.25 24.74 -26.28
C VAL C 11 14.19 25.01 -24.78
N LEU C 12 14.92 26.04 -24.34
CA LEU C 12 14.96 26.41 -22.92
C LEU C 12 13.61 26.92 -22.41
N ARG C 13 12.85 27.61 -23.25
CA ARG C 13 11.54 28.09 -22.84
C ARG C 13 10.58 26.92 -22.72
N LEU C 14 10.77 25.93 -23.59
CA LEU C 14 9.96 24.71 -23.56
C LEU C 14 10.23 23.90 -22.28
N LEU C 15 11.50 23.73 -21.95
CA LEU C 15 11.90 23.01 -20.74
C LEU C 15 11.38 23.69 -19.48
N ASN C 16 11.47 25.02 -19.43
CA ASN C 16 10.93 25.78 -18.31
C ASN C 16 9.40 25.76 -18.23
N GLU C 17 8.73 25.63 -19.37
CA GLU C 17 7.28 25.48 -19.37
C GLU C 17 6.89 24.13 -18.78
N GLN C 18 7.61 23.10 -19.19
CA GLN C 18 7.37 21.75 -18.68
C GLN C 18 7.71 21.69 -17.20
N LEU C 19 8.80 22.35 -16.81
CA LEU C 19 9.19 22.39 -15.40
C LEU C 19 8.08 22.99 -14.55
N THR C 20 7.50 24.08 -15.03
CA THR C 20 6.40 24.73 -14.33
C THR C 20 5.25 23.76 -14.22
N SER C 21 5.02 23.01 -15.28
CA SER C 21 3.94 22.04 -15.30
C SER C 21 4.22 20.93 -14.29
N GLU C 22 5.49 20.57 -14.13
CA GLU C 22 5.87 19.54 -13.18
C GLU C 22 5.59 19.97 -11.75
N LEU C 23 6.00 21.19 -11.39
CA LEU C 23 5.78 21.71 -10.05
C LEU C 23 4.30 21.81 -9.72
N THR C 24 3.49 22.17 -10.71
CA THR C 24 2.05 22.22 -10.53
C THR C 24 1.50 20.82 -10.23
N ALA C 25 1.91 19.85 -11.03
CA ALA C 25 1.46 18.48 -10.87
C ALA C 25 1.84 17.91 -9.51
N ILE C 26 3.07 18.18 -9.08
CA ILE C 26 3.54 17.65 -7.80
C ILE C 26 2.66 18.10 -6.65
N ASN C 27 2.44 19.41 -6.55
CA ASN C 27 1.58 19.97 -5.51
C ASN C 27 0.16 19.41 -5.59
N GLN C 28 -0.41 19.42 -6.79
CA GLN C 28 -1.77 18.92 -6.96
C GLN C 28 -1.89 17.45 -6.55
N TYR C 29 -0.98 16.62 -7.05
CA TYR C 29 -1.00 15.19 -6.75
C TYR C 29 -0.77 14.91 -5.26
N PHE C 30 0.21 15.60 -4.66
CA PHE C 30 0.50 15.40 -3.25
C PHE C 30 -0.68 15.79 -2.37
N LEU C 31 -1.25 16.97 -2.60
CA LEU C 31 -2.39 17.39 -1.82
C LEU C 31 -3.57 16.42 -1.97
N HIS C 32 -3.81 15.95 -3.19
CA HIS C 32 -4.87 14.97 -3.43
C HIS C 32 -4.61 13.72 -2.63
N SER C 33 -3.34 13.32 -2.54
CA SER C 33 -2.99 12.11 -1.82
C SER C 33 -3.29 12.28 -0.34
N LYS C 34 -2.99 13.47 0.19
CA LYS C 34 -3.26 13.79 1.59
C LYS C 34 -4.76 13.79 1.88
N MSE C 35 -5.53 14.32 0.94
CA MSE C 35 -6.98 14.38 1.08
C MSE C 35 -7.63 13.00 1.02
O MSE C 35 -8.50 12.68 1.83
CB MSE C 35 -7.59 15.30 0.03
CG MSE C 35 -7.18 16.74 0.18
SE MSE C 35 -7.89 17.86 -1.25
CE MSE C 35 -9.79 17.75 -0.82
N GLN C 36 -7.21 12.18 0.07
CA GLN C 36 -7.67 10.80 -0.02
C GLN C 36 -7.34 10.05 1.27
N ASP C 37 -6.13 10.27 1.77
CA ASP C 37 -5.68 9.65 3.00
C ASP C 37 -6.58 10.05 4.16
N ASN C 38 -6.86 11.35 4.23
CA ASN C 38 -7.65 11.94 5.31
C ASN C 38 -9.13 11.58 5.22
N TRP C 39 -9.57 11.20 4.02
CA TRP C 39 -10.96 10.77 3.81
C TRP C 39 -11.17 9.32 4.23
N GLY C 40 -10.07 8.60 4.41
CA GLY C 40 -10.14 7.20 4.77
C GLY C 40 -9.75 6.26 3.64
N PHE C 41 -9.55 6.81 2.45
CA PHE C 41 -9.15 6.02 1.29
C PHE C 41 -7.64 5.82 1.28
N THR C 42 -7.16 5.02 2.23
CA THR C 42 -5.73 4.93 2.51
C THR C 42 -4.94 4.10 1.50
N GLU C 43 -5.59 3.08 0.91
CA GLU C 43 -4.92 2.28 -0.11
C GLU C 43 -4.67 3.11 -1.36
N LEU C 44 -5.71 3.83 -1.80
CA LEU C 44 -5.59 4.68 -2.97
C LEU C 44 -4.54 5.77 -2.75
N ALA C 45 -4.52 6.34 -1.54
CA ALA C 45 -3.66 7.47 -1.23
C ALA C 45 -2.18 7.14 -1.44
N ALA C 46 -1.78 5.93 -1.10
CA ALA C 46 -0.41 5.49 -1.32
C ALA C 46 -0.05 5.54 -2.81
N HIS C 47 -0.99 5.16 -3.66
CA HIS C 47 -0.75 5.14 -5.10
C HIS C 47 -0.56 6.55 -5.65
N THR C 48 -1.44 7.46 -5.25
CA THR C 48 -1.36 8.85 -5.67
C THR C 48 -0.10 9.52 -5.14
N ARG C 49 0.30 9.14 -3.93
CA ARG C 49 1.51 9.69 -3.33
C ARG C 49 2.73 9.33 -4.18
N ALA C 50 2.77 8.07 -4.63
CA ALA C 50 3.86 7.59 -5.46
C ALA C 50 3.92 8.37 -6.77
N GLU C 51 2.75 8.72 -7.30
CA GLU C 51 2.66 9.52 -8.52
C GLU C 51 3.30 10.89 -8.39
N SER C 52 3.10 11.55 -7.25
CA SER C 52 3.69 12.87 -7.02
C SER C 52 5.22 12.80 -6.86
N PHE C 53 5.72 11.69 -6.35
CA PHE C 53 7.16 11.50 -6.22
C PHE C 53 7.79 11.21 -7.58
N ASP C 54 7.02 10.58 -8.46
CA ASP C 54 7.46 10.36 -9.81
C ASP C 54 7.60 11.69 -10.55
N GLU C 55 6.65 12.59 -10.34
CA GLU C 55 6.71 13.90 -10.96
C GLU C 55 7.90 14.70 -10.44
N MSE C 56 8.26 14.47 -9.18
CA MSE C 56 9.42 15.14 -8.61
C MSE C 56 10.67 14.74 -9.35
O MSE C 56 11.57 15.54 -9.57
CB MSE C 56 9.57 14.80 -7.13
CG MSE C 56 8.54 15.44 -6.24
SE MSE C 56 8.84 14.92 -4.39
CE MSE C 56 6.98 14.73 -3.87
N ARG C 57 10.73 13.46 -9.71
CA ARG C 57 11.85 12.92 -10.46
C ARG C 57 11.97 13.58 -11.83
N HIS C 58 10.83 13.81 -12.48
CA HIS C 58 10.83 14.52 -13.74
C HIS C 58 11.33 15.94 -13.54
N ALA C 59 10.80 16.61 -12.53
CA ALA C 59 11.24 17.97 -12.22
C ALA C 59 12.75 18.04 -12.06
N GLU C 60 13.36 17.04 -11.44
CA GLU C 60 14.80 17.06 -11.25
C GLU C 60 15.54 16.83 -12.57
N GLU C 61 15.08 15.88 -13.36
CA GLU C 61 15.68 15.61 -14.67
C GLU C 61 15.68 16.85 -15.56
N ILE C 62 14.55 17.54 -15.61
CA ILE C 62 14.43 18.75 -16.41
C ILE C 62 15.37 19.84 -15.89
N THR C 63 15.42 19.99 -14.56
CA THR C 63 16.32 20.95 -13.94
C THR C 63 17.76 20.67 -14.38
N ASP C 64 18.15 19.41 -14.33
CA ASP C 64 19.49 19.01 -14.76
C ASP C 64 19.77 19.47 -16.18
N ARG C 65 18.83 19.17 -17.08
CA ARG C 65 18.99 19.51 -18.50
C ARG C 65 19.14 21.02 -18.68
N ILE C 66 18.26 21.78 -18.04
CA ILE C 66 18.32 23.23 -18.09
C ILE C 66 19.67 23.76 -17.63
N LEU C 67 20.12 23.32 -16.47
CA LEU C 67 21.41 23.78 -15.94
C LEU C 67 22.59 23.45 -16.87
N LEU C 68 22.59 22.25 -17.43
CA LEU C 68 23.63 21.84 -18.36
C LEU C 68 23.65 22.75 -19.59
N LEU C 69 22.49 23.25 -19.96
CA LEU C 69 22.37 24.13 -21.13
C LEU C 69 22.58 25.60 -20.74
N ASP C 70 23.06 25.83 -19.52
CA ASP C 70 23.32 27.17 -19.01
C ASP C 70 22.06 28.01 -18.86
N GLY C 71 20.92 27.35 -18.73
CA GLY C 71 19.67 28.04 -18.51
C GLY C 71 19.40 28.25 -17.03
N LEU C 72 18.37 29.02 -16.74
CA LEU C 72 17.96 29.23 -15.35
C LEU C 72 16.62 28.54 -15.13
N PRO C 73 16.61 27.50 -14.29
CA PRO C 73 15.39 26.76 -13.97
C PRO C 73 14.43 27.68 -13.23
N ASN C 74 13.19 27.74 -13.70
CA ASN C 74 12.19 28.58 -13.05
C ASN C 74 11.48 27.81 -11.93
N TYR C 75 11.75 28.21 -10.70
CA TYR C 75 11.14 27.57 -9.54
C TYR C 75 10.21 28.55 -8.83
N GLN C 76 9.86 29.64 -9.51
CA GLN C 76 9.08 30.71 -8.90
C GLN C 76 7.61 30.61 -9.29
N ARG C 77 7.36 29.97 -10.42
CA ARG C 77 6.05 29.98 -11.05
C ARG C 77 5.29 28.68 -10.79
N ILE C 78 4.03 28.79 -10.38
CA ILE C 78 3.12 27.63 -10.37
C ILE C 78 1.92 27.90 -11.25
N GLY C 79 1.38 26.82 -11.83
CA GLY C 79 0.16 26.92 -12.58
C GLY C 79 -1.02 26.88 -11.63
N SER C 80 -2.22 26.94 -12.17
CA SER C 80 -3.40 26.85 -11.33
C SER C 80 -3.70 25.43 -10.90
N LEU C 81 -3.74 25.21 -9.60
CA LEU C 81 -4.15 23.92 -9.06
C LEU C 81 -5.64 23.70 -9.28
N ARG C 82 -6.01 22.48 -9.64
CA ARG C 82 -7.40 22.06 -9.66
C ARG C 82 -7.63 21.05 -8.56
N ILE C 83 -8.12 21.52 -7.41
CA ILE C 83 -8.38 20.63 -6.29
C ILE C 83 -9.78 20.03 -6.37
N GLY C 84 -9.85 18.70 -6.51
CA GLY C 84 -11.11 18.00 -6.49
C GLY C 84 -11.61 17.80 -5.08
N GLN C 85 -12.93 17.79 -4.90
CA GLN C 85 -13.53 17.61 -3.58
C GLN C 85 -14.23 16.25 -3.45
N THR C 86 -14.10 15.42 -4.48
CA THR C 86 -14.54 14.04 -4.44
C THR C 86 -13.53 13.24 -5.24
N LEU C 87 -13.47 11.92 -5.00
CA LEU C 87 -12.52 11.08 -5.73
C LEU C 87 -12.59 11.33 -7.24
N ARG C 88 -13.79 11.25 -7.80
CA ARG C 88 -14.00 11.42 -9.23
C ARG C 88 -13.45 12.75 -9.74
N GLU C 89 -13.67 13.83 -9.00
CA GLU C 89 -13.16 15.14 -9.37
C GLU C 89 -11.63 15.14 -9.39
N GLN C 90 -11.04 14.42 -8.45
CA GLN C 90 -9.59 14.36 -8.36
C GLN C 90 -8.99 13.64 -9.56
N PHE C 91 -9.58 12.51 -9.95
CA PHE C 91 -9.13 11.82 -11.15
C PHE C 91 -9.23 12.73 -12.37
N GLU C 92 -10.34 13.47 -12.46
CA GLU C 92 -10.58 14.35 -13.59
C GLU C 92 -9.66 15.58 -13.60
N ALA C 93 -9.41 16.14 -12.42
CA ALA C 93 -8.49 17.27 -12.30
C ALA C 93 -7.07 16.88 -12.69
N ASP C 94 -6.64 15.72 -12.23
CA ASP C 94 -5.30 15.23 -12.52
C ASP C 94 -5.14 14.87 -13.99
N LEU C 95 -6.23 14.35 -14.55
CA LEU C 95 -6.28 13.98 -15.96
C LEU C 95 -6.10 15.22 -16.84
N ALA C 96 -6.64 16.35 -16.39
CA ALA C 96 -6.53 17.61 -17.11
C ALA C 96 -5.09 18.07 -17.30
N ILE C 97 -4.28 17.98 -16.25
CA ILE C 97 -2.87 18.33 -16.35
C ILE C 97 -2.13 17.43 -17.34
N GLU C 98 -2.41 16.13 -17.28
CA GLU C 98 -1.72 15.18 -18.13
C GLU C 98 -1.90 15.46 -19.63
N TYR C 99 -3.11 15.79 -20.04
CA TYR C 99 -3.39 16.09 -21.45
C TYR C 99 -2.65 17.34 -21.90
N ASP C 100 -2.69 18.38 -21.07
CA ASP C 100 -1.93 19.60 -21.36
C ASP C 100 -0.46 19.28 -21.58
N VAL C 101 0.08 18.39 -20.77
CA VAL C 101 1.44 17.93 -20.94
C VAL C 101 1.63 17.35 -22.35
N LEU C 102 0.74 16.43 -22.73
CA LEU C 102 0.80 15.83 -24.06
C LEU C 102 0.70 16.90 -25.16
N ASN C 103 -0.31 17.75 -25.05
CA ASN C 103 -0.55 18.78 -26.04
C ASN C 103 0.66 19.69 -26.21
N ARG C 104 1.43 19.87 -25.13
CA ARG C 104 2.61 20.73 -25.18
C ARG C 104 3.85 19.99 -25.68
N LEU C 105 4.09 18.80 -25.16
CA LEU C 105 5.36 18.11 -25.43
C LEU C 105 5.44 17.47 -26.81
N LYS C 106 4.29 17.12 -27.38
CA LYS C 106 4.28 16.48 -28.70
C LYS C 106 4.88 17.38 -29.80
N PRO C 107 4.40 18.62 -29.92
CA PRO C 107 5.02 19.54 -30.88
C PRO C 107 6.45 19.87 -30.44
N GLY C 108 6.66 19.94 -29.13
CA GLY C 108 7.95 20.28 -28.56
C GLY C 108 9.09 19.34 -28.93
N ILE C 109 8.81 18.04 -28.89
CA ILE C 109 9.80 17.04 -29.23
C ILE C 109 10.27 17.24 -30.67
N VAL C 110 9.32 17.44 -31.58
CA VAL C 110 9.65 17.61 -32.99
C VAL C 110 10.53 18.84 -33.16
N MSE C 111 10.20 19.90 -32.43
CA MSE C 111 10.95 21.13 -32.47
C MSE C 111 12.39 20.90 -32.00
O MSE C 111 13.35 21.33 -32.67
CB MSE C 111 10.28 22.16 -31.60
CG MSE C 111 10.68 23.58 -31.91
SE MSE C 111 10.88 24.58 -30.26
CE MSE C 111 12.63 23.86 -29.76
N CYS C 112 12.54 20.25 -30.86
CA CYS C 112 13.85 19.94 -30.30
C CYS C 112 14.76 19.23 -31.28
N ARG C 113 14.19 18.31 -32.05
CA ARG C 113 14.98 17.55 -33.03
C ARG C 113 15.35 18.42 -34.24
N GLU C 114 14.46 19.33 -34.60
CA GLU C 114 14.77 20.29 -35.67
C GLU C 114 15.91 21.22 -35.25
N LYS C 115 15.98 21.54 -33.97
CA LYS C 115 17.06 22.37 -33.43
C LYS C 115 18.28 21.50 -33.16
N GLN C 116 18.17 20.22 -33.45
CA GLN C 116 19.27 19.28 -33.29
C GLN C 116 19.69 19.09 -31.83
N ASP C 117 18.73 19.22 -30.93
CA ASP C 117 18.97 18.90 -29.53
C ASP C 117 18.27 17.58 -29.22
N THR C 118 18.98 16.47 -29.42
CA THR C 118 18.37 15.16 -29.26
C THR C 118 18.33 14.68 -27.82
N THR C 119 19.26 15.17 -27.01
CA THR C 119 19.25 14.80 -25.60
C THR C 119 18.03 15.37 -24.88
N SER C 120 17.64 16.59 -25.24
CA SER C 120 16.44 17.19 -24.68
C SER C 120 15.20 16.49 -25.25
N ALA C 121 15.26 16.13 -26.53
CA ALA C 121 14.14 15.43 -27.16
C ALA C 121 13.91 14.08 -26.48
N VAL C 122 14.99 13.35 -26.26
CA VAL C 122 14.91 12.04 -25.62
C VAL C 122 14.35 12.12 -24.20
N LEU C 123 14.71 13.17 -23.48
CA LEU C 123 14.18 13.38 -22.13
C LEU C 123 12.66 13.56 -22.15
N LEU C 124 12.19 14.36 -23.11
CA LEU C 124 10.76 14.60 -23.25
C LEU C 124 10.02 13.39 -23.84
N GLU C 125 10.73 12.57 -24.62
CA GLU C 125 10.14 11.34 -25.14
C GLU C 125 9.84 10.37 -24.01
N LYS C 126 10.73 10.30 -23.03
CA LYS C 126 10.50 9.45 -21.86
C LYS C 126 9.33 9.96 -21.03
N ILE C 127 9.30 11.27 -20.81
CA ILE C 127 8.23 11.89 -20.04
C ILE C 127 6.86 11.64 -20.68
N VAL C 128 6.79 11.75 -22.00
CA VAL C 128 5.56 11.49 -22.72
C VAL C 128 5.12 10.03 -22.54
N ALA C 129 6.05 9.11 -22.75
CA ALA C 129 5.79 7.70 -22.50
C ALA C 129 5.16 7.50 -21.11
N ASP C 130 5.77 8.11 -20.10
CA ASP C 130 5.30 7.98 -18.73
C ASP C 130 3.89 8.51 -18.53
N GLU C 131 3.62 9.71 -19.06
CA GLU C 131 2.32 10.35 -18.87
C GLU C 131 1.21 9.59 -19.56
N GLU C 132 1.53 8.94 -20.68
CA GLU C 132 0.55 8.15 -21.38
C GLU C 132 0.08 7.00 -20.49
N GLU C 133 1.02 6.42 -19.73
CA GLU C 133 0.68 5.31 -18.84
C GLU C 133 -0.17 5.78 -17.67
N HIS C 134 0.07 7.00 -17.21
CA HIS C 134 -0.70 7.55 -16.10
C HIS C 134 -2.10 7.96 -16.54
N ILE C 135 -2.20 8.51 -17.75
CA ILE C 135 -3.50 8.87 -18.33
C ILE C 135 -4.37 7.64 -18.46
N ASP C 136 -3.78 6.56 -18.97
CA ASP C 136 -4.49 5.30 -19.11
C ASP C 136 -4.96 4.82 -17.75
N TYR C 137 -4.12 5.00 -16.74
CA TYR C 137 -4.48 4.62 -15.38
C TYR C 137 -5.69 5.40 -14.87
N LEU C 138 -5.64 6.72 -15.04
CA LEU C 138 -6.72 7.59 -14.59
C LEU C 138 -8.01 7.34 -15.36
N GLU C 139 -7.91 7.28 -16.69
CA GLU C 139 -9.06 6.97 -17.52
C GLU C 139 -9.68 5.61 -17.16
N THR C 140 -8.86 4.67 -16.71
CA THR C 140 -9.36 3.35 -16.33
C THR C 140 -10.09 3.39 -14.99
N GLN C 141 -9.61 4.23 -14.08
CA GLN C 141 -10.26 4.38 -12.78
C GLN C 141 -11.66 4.97 -12.94
N LEU C 142 -11.81 5.91 -13.87
CA LEU C 142 -13.09 6.53 -14.14
C LEU C 142 -14.06 5.54 -14.78
N GLU C 143 -13.53 4.65 -15.63
CA GLU C 143 -14.33 3.59 -16.20
C GLU C 143 -14.84 2.61 -15.14
N LEU C 144 -13.97 2.28 -14.18
CA LEU C 144 -14.33 1.33 -13.13
C LEU C 144 -15.39 1.90 -12.19
N MSE C 145 -15.32 3.20 -11.95
CA MSE C 145 -16.35 3.83 -11.13
C MSE C 145 -17.72 3.64 -11.76
O MSE C 145 -18.71 3.43 -11.05
CB MSE C 145 -16.07 5.31 -10.93
CG MSE C 145 -14.91 5.56 -10.00
SE MSE C 145 -14.69 7.44 -9.53
CE MSE C 145 -16.42 7.76 -8.71
N ASP C 146 -17.78 3.71 -13.08
CA ASP C 146 -19.04 3.53 -13.80
C ASP C 146 -19.48 2.08 -13.81
N LYS C 147 -18.56 1.17 -14.09
CA LYS C 147 -18.88 -0.26 -14.11
C LYS C 147 -19.30 -0.79 -12.75
N LEU C 148 -18.56 -0.41 -11.70
CA LEU C 148 -18.83 -0.92 -10.36
C LEU C 148 -19.83 -0.05 -9.58
N GLY C 149 -19.84 1.24 -9.87
CA GLY C 149 -20.58 2.20 -9.06
C GLY C 149 -19.67 2.84 -8.05
N GLU C 150 -19.91 4.12 -7.75
CA GLU C 150 -19.01 4.88 -6.88
C GLU C 150 -18.72 4.22 -5.55
N GLU C 151 -19.77 3.85 -4.83
CA GLU C 151 -19.61 3.28 -3.49
C GLU C 151 -18.77 2.01 -3.54
N LEU C 152 -19.09 1.15 -4.52
CA LEU C 152 -18.41 -0.12 -4.65
C LEU C 152 -16.93 0.08 -5.01
N TYR C 153 -16.64 1.06 -5.85
CA TYR C 153 -15.26 1.36 -6.21
C TYR C 153 -14.48 1.91 -5.01
N SER C 154 -15.10 2.81 -4.26
CA SER C 154 -14.49 3.39 -3.07
C SER C 154 -14.18 2.36 -1.99
N ALA C 155 -15.04 1.34 -1.87
CA ALA C 155 -14.82 0.30 -0.88
C ALA C 155 -13.53 -0.48 -1.17
N GLN C 156 -13.07 -0.42 -2.42
CA GLN C 156 -11.84 -1.09 -2.81
C GLN C 156 -10.60 -0.23 -2.49
N CYS C 157 -10.84 0.99 -2.05
CA CYS C 157 -9.75 1.93 -1.78
C CYS C 157 -9.50 2.13 -0.28
N VAL C 158 -10.17 1.33 0.53
CA VAL C 158 -9.98 1.36 1.98
C VAL C 158 -9.30 0.09 2.44
N SER C 159 -8.69 0.14 3.62
CA SER C 159 -8.12 -1.08 4.21
C SER C 159 -9.19 -1.90 4.94
N ARG C 160 -8.80 -3.08 5.41
CA ARG C 160 -9.71 -3.91 6.18
C ARG C 160 -9.11 -4.14 7.56
N PRO C 161 -9.67 -3.50 8.59
CA PRO C 161 -10.83 -2.61 8.46
C PRO C 161 -10.41 -1.21 7.99
N PRO C 162 -11.39 -0.37 7.64
CA PRO C 162 -11.09 1.01 7.23
C PRO C 162 -10.30 1.72 8.32
N THR C 163 -9.31 2.52 7.91
CA THR C 163 -8.48 3.27 8.84
C THR C 163 -8.99 4.70 9.00
N SER C 164 -8.10 5.66 8.81
CA SER C 164 -8.44 7.07 8.93
C SER C 164 -7.34 7.97 8.37
N ALA C 165 -6.10 7.53 8.52
CA ALA C 165 -4.96 8.29 8.02
C ALA C 165 -3.98 8.61 9.15
N TRP C 166 -4.38 8.32 10.38
CA TRP C 166 -3.55 8.58 11.55
C TRP C 166 -3.25 7.29 12.32
N GLN D 6 -13.23 21.55 14.57
CA GLN D 6 -12.72 22.61 13.71
C GLN D 6 -11.65 23.44 14.43
N GLY D 7 -10.65 23.88 13.67
CA GLY D 7 -9.58 24.70 14.21
C GLY D 7 -9.94 26.18 14.22
N ASP D 8 -9.30 26.93 15.11
CA ASP D 8 -9.46 28.37 15.17
C ASP D 8 -8.94 28.99 13.87
N PRO D 9 -9.66 29.99 13.34
CA PRO D 9 -9.33 30.62 12.06
C PRO D 9 -7.97 31.32 12.05
N ASP D 10 -7.58 31.92 13.17
CA ASP D 10 -6.29 32.61 13.24
C ASP D 10 -5.13 31.63 13.26
N VAL D 11 -5.35 30.47 13.88
CA VAL D 11 -4.35 29.41 13.91
C VAL D 11 -4.18 28.85 12.50
N LEU D 12 -5.29 28.57 11.84
CA LEU D 12 -5.23 27.99 10.50
C LEU D 12 -4.50 28.93 9.56
N ARG D 13 -4.76 30.23 9.71
CA ARG D 13 -4.11 31.22 8.87
C ARG D 13 -2.60 31.22 9.10
N LEU D 14 -2.21 31.11 10.38
CA LEU D 14 -0.80 31.07 10.73
C LEU D 14 -0.15 29.82 10.16
N LEU D 15 -0.83 28.69 10.32
CA LEU D 15 -0.32 27.42 9.80
C LEU D 15 -0.14 27.48 8.29
N ASN D 16 -1.10 28.06 7.59
CA ASN D 16 -1.02 28.19 6.14
C ASN D 16 0.07 29.17 5.70
N GLU D 17 0.32 30.18 6.53
CA GLU D 17 1.36 31.14 6.23
C GLU D 17 2.73 30.49 6.36
N GLN D 18 2.86 29.60 7.33
CA GLN D 18 4.10 28.87 7.53
C GLN D 18 4.30 27.87 6.39
N LEU D 19 3.20 27.25 5.95
CA LEU D 19 3.24 26.31 4.85
C LEU D 19 3.75 26.96 3.58
N THR D 20 3.30 28.18 3.33
CA THR D 20 3.78 28.95 2.18
C THR D 20 5.27 29.22 2.32
N SER D 21 5.71 29.43 3.55
CA SER D 21 7.11 29.67 3.81
C SER D 21 7.93 28.42 3.50
N GLU D 22 7.41 27.25 3.88
CA GLU D 22 8.12 25.99 3.66
C GLU D 22 8.29 25.69 2.18
N LEU D 23 7.23 25.87 1.41
CA LEU D 23 7.26 25.59 -0.03
C LEU D 23 8.28 26.49 -0.72
N THR D 24 8.34 27.74 -0.30
CA THR D 24 9.34 28.67 -0.80
C THR D 24 10.73 28.16 -0.47
N ALA D 25 10.98 27.88 0.80
CA ALA D 25 12.27 27.38 1.26
C ALA D 25 12.71 26.11 0.52
N ILE D 26 11.77 25.18 0.34
CA ILE D 26 12.08 23.95 -0.37
C ILE D 26 12.60 24.25 -1.77
N ASN D 27 11.89 25.10 -2.50
CA ASN D 27 12.31 25.50 -3.84
C ASN D 27 13.67 26.16 -3.83
N GLN D 28 13.82 27.16 -2.96
CA GLN D 28 15.07 27.91 -2.91
C GLN D 28 16.25 27.00 -2.58
N TYR D 29 16.09 26.17 -1.55
CA TYR D 29 17.18 25.31 -1.11
C TYR D 29 17.52 24.25 -2.16
N PHE D 30 16.51 23.67 -2.79
CA PHE D 30 16.75 22.63 -3.79
C PHE D 30 17.49 23.21 -4.99
N LEU D 31 17.06 24.37 -5.45
CA LEU D 31 17.72 25.03 -6.57
C LEU D 31 19.16 25.40 -6.22
N HIS D 32 19.37 25.89 -5.00
CA HIS D 32 20.71 26.24 -4.58
C HIS D 32 21.62 25.02 -4.60
N SER D 33 21.09 23.88 -4.17
CA SER D 33 21.88 22.66 -4.12
C SER D 33 22.24 22.18 -5.53
N LYS D 34 21.32 22.35 -6.47
CA LYS D 34 21.58 21.97 -7.86
C LYS D 34 22.63 22.89 -8.45
N MSE D 35 22.55 24.17 -8.12
CA MSE D 35 23.53 25.13 -8.61
C MSE D 35 24.93 24.85 -8.04
O MSE D 35 25.91 24.85 -8.78
CB MSE D 35 23.09 26.54 -8.29
CG MSE D 35 21.82 26.92 -9.01
SE MSE D 35 21.20 28.71 -8.56
CE MSE D 35 22.62 29.76 -9.39
N GLN D 36 24.99 24.63 -6.73
CA GLN D 36 26.24 24.28 -6.06
C GLN D 36 26.83 23.01 -6.68
N ASP D 37 25.98 22.03 -6.91
CA ASP D 37 26.39 20.78 -7.52
C ASP D 37 26.98 21.07 -8.90
N ASN D 38 26.33 21.98 -9.60
CA ASN D 38 26.63 22.30 -10.99
C ASN D 38 27.90 23.13 -11.11
N TRP D 39 28.26 23.83 -10.04
CA TRP D 39 29.48 24.62 -10.00
C TRP D 39 30.70 23.78 -9.65
N GLY D 40 30.47 22.57 -9.14
CA GLY D 40 31.55 21.70 -8.75
C GLY D 40 31.68 21.51 -7.25
N PHE D 41 30.85 22.24 -6.49
CA PHE D 41 30.87 22.13 -5.04
C PHE D 41 29.95 21.01 -4.61
N THR D 42 30.35 19.79 -4.98
CA THR D 42 29.52 18.60 -4.82
C THR D 42 29.36 18.15 -3.36
N GLU D 43 30.36 18.39 -2.53
CA GLU D 43 30.26 18.03 -1.12
C GLU D 43 29.24 18.94 -0.44
N LEU D 44 29.33 20.23 -0.72
CA LEU D 44 28.38 21.19 -0.17
C LEU D 44 26.98 20.90 -0.69
N ALA D 45 26.87 20.68 -2.00
CA ALA D 45 25.57 20.43 -2.62
C ALA D 45 24.77 19.35 -1.89
N ALA D 46 25.44 18.26 -1.53
CA ALA D 46 24.77 17.15 -0.85
C ALA D 46 24.14 17.59 0.47
N HIS D 47 24.85 18.46 1.18
CA HIS D 47 24.37 18.94 2.46
C HIS D 47 23.14 19.83 2.30
N THR D 48 23.17 20.69 1.29
CA THR D 48 22.08 21.63 1.04
C THR D 48 20.83 20.88 0.55
N ARG D 49 21.05 19.79 -0.16
CA ARG D 49 19.96 18.95 -0.63
C ARG D 49 19.19 18.41 0.56
N ALA D 50 19.92 17.89 1.55
CA ALA D 50 19.30 17.31 2.73
C ALA D 50 18.46 18.34 3.50
N GLU D 51 18.90 19.59 3.48
CA GLU D 51 18.14 20.66 4.12
C GLU D 51 16.79 20.89 3.47
N SER D 52 16.71 20.75 2.14
CA SER D 52 15.46 20.98 1.43
C SER D 52 14.48 19.84 1.67
N PHE D 53 15.00 18.63 1.82
CA PHE D 53 14.16 17.47 2.15
C PHE D 53 13.63 17.60 3.56
N ASP D 54 14.38 18.28 4.41
CA ASP D 54 13.98 18.50 5.79
C ASP D 54 12.79 19.47 5.84
N GLU D 55 12.84 20.49 4.99
CA GLU D 55 11.73 21.42 4.87
C GLU D 55 10.52 20.73 4.27
N MSE D 56 10.75 19.72 3.44
CA MSE D 56 9.65 18.91 2.94
C MSE D 56 8.99 18.25 4.13
O MSE D 56 7.79 18.35 4.30
CB MSE D 56 10.14 17.87 1.95
CG MSE D 56 10.62 18.46 0.64
SE MSE D 56 11.11 17.09 -0.65
CE MSE D 56 12.35 18.16 -1.72
N ARG D 57 9.78 17.60 4.98
CA ARG D 57 9.22 16.95 6.16
C ARG D 57 8.33 17.92 6.94
N HIS D 58 8.80 19.16 7.09
CA HIS D 58 8.04 20.19 7.80
C HIS D 58 6.72 20.52 7.10
N ALA D 59 6.78 20.63 5.77
CA ALA D 59 5.61 20.93 4.96
C ALA D 59 4.51 19.88 5.14
N GLU D 60 4.91 18.61 5.19
CA GLU D 60 3.95 17.53 5.34
C GLU D 60 3.30 17.53 6.72
N GLU D 61 4.11 17.80 7.75
CA GLU D 61 3.59 17.83 9.11
C GLU D 61 2.54 18.94 9.29
N ILE D 62 2.82 20.09 8.69
CA ILE D 62 1.90 21.22 8.74
C ILE D 62 0.65 20.92 7.92
N THR D 63 0.82 20.24 6.80
CA THR D 63 -0.33 19.83 5.99
C THR D 63 -1.25 18.92 6.80
N ASP D 64 -0.67 17.94 7.49
CA ASP D 64 -1.43 17.03 8.33
C ASP D 64 -2.22 17.79 9.38
N ARG D 65 -1.53 18.70 10.08
CA ARG D 65 -2.17 19.45 11.15
C ARG D 65 -3.35 20.26 10.62
N ILE D 66 -3.13 20.99 9.53
CA ILE D 66 -4.21 21.72 8.87
C ILE D 66 -5.40 20.82 8.53
N LEU D 67 -5.14 19.71 7.84
CA LEU D 67 -6.22 18.79 7.45
C LEU D 67 -6.97 18.27 8.67
N LEU D 68 -6.26 17.95 9.73
CA LEU D 68 -6.89 17.47 10.95
C LEU D 68 -7.85 18.51 11.51
N LEU D 69 -7.48 19.79 11.38
CA LEU D 69 -8.30 20.88 11.89
C LEU D 69 -9.37 21.33 10.88
N ASP D 70 -9.62 20.51 9.87
CA ASP D 70 -10.62 20.80 8.85
C ASP D 70 -10.28 22.01 8.03
N GLY D 71 -8.99 22.33 7.93
CA GLY D 71 -8.56 23.44 7.09
C GLY D 71 -8.29 23.00 5.67
N LEU D 72 -8.00 23.97 4.81
CA LEU D 72 -7.61 23.66 3.45
C LEU D 72 -6.17 24.13 3.22
N PRO D 73 -5.24 23.18 3.09
CA PRO D 73 -3.81 23.50 2.95
C PRO D 73 -3.56 24.27 1.65
N ASN D 74 -2.87 25.40 1.76
CA ASN D 74 -2.60 26.24 0.61
C ASN D 74 -1.31 25.84 -0.13
N TYR D 75 -1.48 25.12 -1.24
CA TYR D 75 -0.35 24.71 -2.06
C TYR D 75 -0.28 25.52 -3.36
N GLN D 76 -1.04 26.60 -3.44
CA GLN D 76 -1.11 27.39 -4.66
C GLN D 76 -0.15 28.59 -4.64
N ARG D 77 0.20 29.03 -3.44
CA ARG D 77 0.95 30.26 -3.26
C ARG D 77 2.40 29.98 -2.87
N ILE D 78 3.34 30.61 -3.58
CA ILE D 78 4.75 30.56 -3.21
C ILE D 78 5.22 31.96 -2.87
N GLY D 79 6.24 32.07 -2.02
CA GLY D 79 6.83 33.35 -1.71
C GLY D 79 7.87 33.70 -2.74
N SER D 80 8.56 34.81 -2.53
CA SER D 80 9.59 35.24 -3.47
C SER D 80 10.91 34.52 -3.25
N LEU D 81 11.38 33.85 -4.30
CA LEU D 81 12.68 33.22 -4.28
C LEU D 81 13.79 34.25 -4.37
N ARG D 82 14.81 34.10 -3.54
CA ARG D 82 16.00 34.93 -3.62
C ARG D 82 17.17 34.03 -3.99
N ILE D 83 17.48 33.96 -5.28
CA ILE D 83 18.51 33.05 -5.77
C ILE D 83 19.89 33.71 -5.81
N GLY D 84 20.84 33.12 -5.10
CA GLY D 84 22.20 33.66 -5.06
C GLY D 84 23.02 33.21 -6.26
N GLN D 85 23.94 34.07 -6.69
CA GLN D 85 24.79 33.74 -7.84
C GLN D 85 26.22 33.41 -7.39
N THR D 86 26.43 33.42 -6.08
CA THR D 86 27.68 32.96 -5.49
C THR D 86 27.37 32.21 -4.19
N LEU D 87 28.34 31.47 -3.67
CA LEU D 87 28.14 30.76 -2.41
C LEU D 87 27.66 31.69 -1.31
N ARG D 88 28.43 32.74 -1.03
CA ARG D 88 28.09 33.67 0.04
C ARG D 88 26.66 34.21 -0.09
N GLU D 89 26.26 34.53 -1.32
CA GLU D 89 24.92 35.04 -1.58
C GLU D 89 23.86 34.00 -1.22
N GLN D 90 24.11 32.76 -1.61
CA GLN D 90 23.18 31.68 -1.30
C GLN D 90 23.02 31.51 0.21
N PHE D 91 24.12 31.49 0.95
CA PHE D 91 24.06 31.41 2.40
C PHE D 91 23.24 32.57 2.99
N GLU D 92 23.44 33.76 2.47
CA GLU D 92 22.72 34.94 2.95
C GLU D 92 21.24 34.89 2.57
N ALA D 93 20.95 34.41 1.37
CA ALA D 93 19.57 34.31 0.91
C ALA D 93 18.79 33.28 1.72
N ASP D 94 19.43 32.16 2.02
CA ASP D 94 18.79 31.10 2.79
C ASP D 94 18.59 31.53 4.24
N LEU D 95 19.48 32.39 4.71
CA LEU D 95 19.42 32.89 6.07
C LEU D 95 18.24 33.86 6.23
N ALA D 96 17.95 34.59 5.15
CA ALA D 96 16.86 35.56 5.14
C ALA D 96 15.50 34.88 5.35
N ILE D 97 15.29 33.75 4.68
CA ILE D 97 14.08 32.97 4.91
C ILE D 97 13.99 32.53 6.36
N GLU D 98 15.12 32.07 6.91
CA GLU D 98 15.13 31.50 8.25
C GLU D 98 14.80 32.52 9.36
N TYR D 99 15.38 33.71 9.30
CA TYR D 99 15.04 34.75 10.28
C TYR D 99 13.57 35.10 10.13
N ASP D 100 13.08 35.04 8.90
CA ASP D 100 11.69 35.33 8.61
C ASP D 100 10.75 34.39 9.34
N VAL D 101 11.09 33.10 9.34
CA VAL D 101 10.31 32.09 10.04
C VAL D 101 10.29 32.32 11.55
N LEU D 102 11.46 32.58 12.13
CA LEU D 102 11.51 32.87 13.56
C LEU D 102 10.63 34.08 13.92
N ASN D 103 10.70 35.13 13.11
CA ASN D 103 9.88 36.31 13.34
C ASN D 103 8.39 36.00 13.33
N ARG D 104 7.98 35.12 12.42
CA ARG D 104 6.57 34.73 12.33
C ARG D 104 6.18 33.78 13.46
N LEU D 105 7.01 32.77 13.70
CA LEU D 105 6.63 31.67 14.58
C LEU D 105 6.65 32.01 16.08
N LYS D 106 7.59 32.85 16.49
CA LYS D 106 7.72 33.17 17.91
C LYS D 106 6.45 33.78 18.51
N PRO D 107 5.90 34.81 17.85
CA PRO D 107 4.62 35.34 18.36
C PRO D 107 3.51 34.31 18.12
N GLY D 108 3.61 33.56 17.02
CA GLY D 108 2.60 32.59 16.66
C GLY D 108 2.35 31.55 17.74
N ILE D 109 3.43 30.96 18.26
CA ILE D 109 3.33 29.97 19.31
C ILE D 109 2.57 30.50 20.51
N VAL D 110 2.95 31.68 20.98
CA VAL D 110 2.31 32.30 22.13
C VAL D 110 0.81 32.35 21.91
N MSE D 111 0.41 32.70 20.69
CA MSE D 111 -1.00 32.82 20.38
C MSE D 111 -1.72 31.48 20.34
O MSE D 111 -2.83 31.35 20.85
CB MSE D 111 -1.20 33.54 19.06
CG MSE D 111 -2.66 33.60 18.70
SE MSE D 111 -2.95 33.23 16.84
CE MSE D 111 -2.81 35.06 16.20
N CYS D 112 -1.09 30.49 19.70
CA CYS D 112 -1.64 29.14 19.64
C CYS D 112 -1.99 28.64 21.03
N ARG D 113 -1.13 28.97 22.00
CA ARG D 113 -1.33 28.55 23.37
C ARG D 113 -2.45 29.33 24.07
N GLU D 114 -2.63 30.58 23.66
CA GLU D 114 -3.76 31.39 24.16
C GLU D 114 -5.08 30.88 23.61
N LYS D 115 -5.06 30.44 22.36
CA LYS D 115 -6.25 29.88 21.70
C LYS D 115 -6.47 28.45 22.18
N GLN D 116 -5.60 27.99 23.07
CA GLN D 116 -5.69 26.65 23.66
C GLN D 116 -5.48 25.52 22.65
N ASP D 117 -4.65 25.78 21.66
CA ASP D 117 -4.25 24.75 20.70
C ASP D 117 -2.79 24.40 20.94
N THR D 118 -2.55 23.46 21.85
CA THR D 118 -1.19 23.12 22.24
C THR D 118 -0.50 22.24 21.21
N THR D 119 -1.26 21.36 20.58
CA THR D 119 -0.69 20.46 19.59
C THR D 119 -0.12 21.26 18.42
N SER D 120 -0.83 22.29 17.99
CA SER D 120 -0.30 23.18 16.97
C SER D 120 0.91 23.94 17.52
N ALA D 121 0.84 24.33 18.79
CA ALA D 121 1.95 25.04 19.43
C ALA D 121 3.22 24.20 19.46
N VAL D 122 3.08 22.94 19.85
CA VAL D 122 4.21 22.03 19.94
C VAL D 122 4.84 21.79 18.56
N LEU D 123 4.01 21.63 17.55
CA LEU D 123 4.49 21.50 16.19
C LEU D 123 5.38 22.69 15.82
N LEU D 124 4.91 23.90 16.13
CA LEU D 124 5.67 25.11 15.80
C LEU D 124 6.90 25.28 16.68
N GLU D 125 6.83 24.79 17.91
CA GLU D 125 7.97 24.84 18.81
C GLU D 125 9.12 24.00 18.24
N LYS D 126 8.77 22.83 17.70
CA LYS D 126 9.77 21.95 17.11
C LYS D 126 10.41 22.54 15.85
N ILE D 127 9.60 23.17 15.01
CA ILE D 127 10.11 23.79 13.80
C ILE D 127 11.08 24.91 14.15
N VAL D 128 10.71 25.75 15.12
CA VAL D 128 11.58 26.81 15.61
C VAL D 128 12.93 26.27 16.09
N ALA D 129 12.91 25.15 16.82
CA ALA D 129 14.13 24.51 17.28
C ALA D 129 15.02 24.07 16.12
N ASP D 130 14.41 23.48 15.09
CA ASP D 130 15.15 23.06 13.91
C ASP D 130 15.78 24.24 13.19
N GLU D 131 15.02 25.33 13.06
CA GLU D 131 15.48 26.49 12.31
C GLU D 131 16.65 27.20 12.99
N GLU D 132 16.60 27.25 14.31
CA GLU D 132 17.70 27.83 15.08
C GLU D 132 19.02 27.12 14.79
N GLU D 133 18.96 25.79 14.68
CA GLU D 133 20.14 24.99 14.37
C GLU D 133 20.69 25.28 12.97
N HIS D 134 19.77 25.39 12.01
CA HIS D 134 20.16 25.70 10.64
C HIS D 134 20.72 27.12 10.53
N ILE D 135 20.05 28.08 11.16
CA ILE D 135 20.56 29.45 11.20
C ILE D 135 22.00 29.47 11.72
N ASP D 136 22.25 28.75 12.81
CA ASP D 136 23.59 28.64 13.36
C ASP D 136 24.56 28.08 12.32
N TYR D 137 24.12 27.04 11.63
CA TYR D 137 24.94 26.44 10.58
C TYR D 137 25.30 27.45 9.50
N LEU D 138 24.30 28.18 9.03
CA LEU D 138 24.50 29.15 7.96
C LEU D 138 25.39 30.30 8.40
N GLU D 139 25.17 30.78 9.62
CA GLU D 139 25.98 31.85 10.17
C GLU D 139 27.44 31.42 10.38
N THR D 140 27.63 30.16 10.74
CA THR D 140 28.97 29.62 10.95
C THR D 140 29.74 29.51 9.63
N GLN D 141 29.05 29.16 8.55
CA GLN D 141 29.70 29.05 7.25
C GLN D 141 30.21 30.41 6.78
N LEU D 142 29.40 31.45 6.99
CA LEU D 142 29.80 32.80 6.64
C LEU D 142 30.99 33.24 7.48
N GLU D 143 30.96 32.87 8.75
CA GLU D 143 32.03 33.18 9.68
C GLU D 143 33.32 32.50 9.22
N LEU D 144 33.20 31.28 8.71
CA LEU D 144 34.34 30.50 8.25
C LEU D 144 34.89 31.02 6.92
N MSE D 145 34.03 31.61 6.11
CA MSE D 145 34.48 32.18 4.85
C MSE D 145 35.39 33.38 5.11
O MSE D 145 36.37 33.59 4.41
CB MSE D 145 33.30 32.59 3.97
CG MSE D 145 32.65 31.44 3.25
SE MSE D 145 31.30 32.02 1.97
CE MSE D 145 32.33 33.38 1.03
N ASP D 146 35.04 34.17 6.14
CA ASP D 146 35.86 35.30 6.51
C ASP D 146 37.19 34.84 7.13
N LYS D 147 37.14 33.78 7.92
CA LYS D 147 38.34 33.27 8.59
C LYS D 147 39.33 32.57 7.65
N LEU D 148 38.82 31.69 6.78
CA LEU D 148 39.69 30.94 5.88
C LEU D 148 39.99 31.71 4.60
N GLY D 149 39.04 32.55 4.18
CA GLY D 149 39.09 33.17 2.87
C GLY D 149 38.16 32.40 1.95
N GLU D 150 37.54 33.09 1.01
CA GLU D 150 36.57 32.46 0.12
C GLU D 150 37.15 31.28 -0.67
N GLU D 151 38.34 31.47 -1.22
CA GLU D 151 38.97 30.41 -1.99
C GLU D 151 39.20 29.17 -1.12
N LEU D 152 39.91 29.36 -0.01
CA LEU D 152 40.25 28.25 0.86
C LEU D 152 39.00 27.54 1.35
N TYR D 153 37.99 28.33 1.69
CA TYR D 153 36.74 27.73 2.15
C TYR D 153 36.14 26.87 1.05
N SER D 154 36.03 27.43 -0.15
CA SER D 154 35.43 26.74 -1.28
C SER D 154 36.14 25.42 -1.59
N ALA D 155 37.45 25.42 -1.42
CA ALA D 155 38.24 24.24 -1.69
C ALA D 155 37.78 23.08 -0.80
N GLN D 156 37.26 23.42 0.36
CA GLN D 156 36.78 22.40 1.30
C GLN D 156 35.39 21.90 0.92
N CYS D 157 34.86 22.39 -0.19
CA CYS D 157 33.51 22.02 -0.61
C CYS D 157 33.52 21.15 -1.87
N VAL D 158 34.72 20.88 -2.39
CA VAL D 158 34.85 20.02 -3.56
C VAL D 158 35.42 18.66 -3.16
N SER D 159 35.24 17.66 -3.99
CA SER D 159 35.78 16.35 -3.71
C SER D 159 37.24 16.26 -4.18
N ARG D 160 37.85 15.10 -3.99
CA ARG D 160 39.20 14.86 -4.49
C ARG D 160 39.23 13.64 -5.40
N PRO D 161 39.46 13.87 -6.70
CA PRO D 161 39.65 15.21 -7.26
C PRO D 161 38.31 15.89 -7.47
N PRO D 162 38.31 17.20 -7.74
CA PRO D 162 37.04 17.88 -8.00
C PRO D 162 36.25 17.17 -9.08
N THR D 163 34.93 17.19 -8.98
CA THR D 163 34.09 16.49 -9.94
C THR D 163 32.94 17.39 -10.38
N SER D 164 31.85 16.80 -10.87
CA SER D 164 30.72 17.61 -11.29
C SER D 164 29.40 16.88 -11.13
N ALA D 165 28.33 17.50 -11.58
CA ALA D 165 27.00 16.90 -11.48
C ALA D 165 26.88 15.61 -12.29
N TRP D 166 27.98 15.20 -12.90
CA TRP D 166 27.99 13.98 -13.72
C TRP D 166 29.41 13.52 -14.01
N GLN E 6 -7.46 8.76 -28.12
CA GLN E 6 -6.14 8.33 -28.56
C GLN E 6 -6.21 7.63 -29.90
N GLY E 7 -5.05 7.40 -30.51
CA GLY E 7 -4.91 6.47 -31.62
C GLY E 7 -5.15 6.99 -33.03
N ASP E 8 -4.07 7.33 -33.73
CA ASP E 8 -4.16 7.71 -35.13
C ASP E 8 -4.32 6.45 -35.98
N PRO E 9 -5.35 6.44 -36.85
CA PRO E 9 -5.74 5.27 -37.64
C PRO E 9 -4.59 4.68 -38.45
N ASP E 10 -3.70 5.54 -38.92
CA ASP E 10 -2.55 5.07 -39.70
C ASP E 10 -1.52 4.36 -38.84
N VAL E 11 -1.30 4.87 -37.63
CA VAL E 11 -0.40 4.23 -36.69
C VAL E 11 -0.97 2.88 -36.21
N LEU E 12 -2.25 2.87 -35.88
CA LEU E 12 -2.90 1.65 -35.40
C LEU E 12 -2.83 0.53 -36.45
N ARG E 13 -2.99 0.92 -37.71
CA ARG E 13 -2.97 -0.03 -38.81
C ARG E 13 -1.58 -0.60 -39.02
N LEU E 14 -0.56 0.25 -38.83
CA LEU E 14 0.82 -0.17 -38.92
C LEU E 14 1.14 -1.15 -37.80
N LEU E 15 0.73 -0.79 -36.58
CA LEU E 15 0.94 -1.62 -35.41
C LEU E 15 0.30 -2.99 -35.58
N ASN E 16 -0.94 -3.00 -36.06
CA ASN E 16 -1.65 -4.26 -36.27
C ASN E 16 -1.02 -5.14 -37.36
N GLU E 17 -0.44 -4.51 -38.38
CA GLU E 17 0.21 -5.26 -39.44
C GLU E 17 1.50 -5.90 -38.93
N GLN E 18 2.21 -5.18 -38.08
CA GLN E 18 3.41 -5.72 -37.45
C GLN E 18 3.03 -6.84 -36.48
N LEU E 19 1.94 -6.68 -35.76
CA LEU E 19 1.43 -7.74 -34.88
C LEU E 19 1.16 -9.02 -35.68
N THR E 20 0.54 -8.87 -36.85
CA THR E 20 0.27 -10.02 -37.70
C THR E 20 1.58 -10.68 -38.09
N SER E 21 2.60 -9.87 -38.34
CA SER E 21 3.89 -10.38 -38.71
C SER E 21 4.53 -11.13 -37.54
N GLU E 22 4.29 -10.64 -36.32
CA GLU E 22 4.85 -11.26 -35.13
C GLU E 22 4.26 -12.65 -34.89
N LEU E 23 2.94 -12.76 -35.00
CA LEU E 23 2.27 -14.04 -34.80
C LEU E 23 2.71 -15.06 -35.86
N THR E 24 3.01 -14.58 -37.06
CA THR E 24 3.53 -15.43 -38.12
C THR E 24 4.91 -15.94 -37.76
N ALA E 25 5.79 -15.02 -37.35
CA ALA E 25 7.16 -15.37 -36.98
C ALA E 25 7.19 -16.35 -35.80
N ILE E 26 6.31 -16.12 -34.83
CA ILE E 26 6.22 -16.99 -33.67
C ILE E 26 5.92 -18.42 -34.08
N ASN E 27 4.86 -18.62 -34.87
CA ASN E 27 4.50 -19.95 -35.34
C ASN E 27 5.59 -20.58 -36.20
N GLN E 28 6.11 -19.82 -37.15
CA GLN E 28 7.15 -20.34 -38.03
C GLN E 28 8.40 -20.74 -37.26
N TYR E 29 8.91 -19.84 -36.41
CA TYR E 29 10.12 -20.13 -35.65
C TYR E 29 9.91 -21.31 -34.73
N PHE E 30 8.78 -21.33 -34.02
CA PHE E 30 8.51 -22.42 -33.09
C PHE E 30 8.53 -23.77 -33.79
N LEU E 31 7.78 -23.88 -34.89
CA LEU E 31 7.71 -25.14 -35.62
C LEU E 31 9.09 -25.58 -36.10
N HIS E 32 9.83 -24.66 -36.74
CA HIS E 32 11.19 -24.95 -37.17
C HIS E 32 12.04 -25.54 -36.05
N SER E 33 11.94 -24.95 -34.85
CA SER E 33 12.72 -25.44 -33.73
C SER E 33 12.30 -26.86 -33.34
N LYS E 34 11.01 -27.16 -33.44
CA LYS E 34 10.52 -28.51 -33.16
C LYS E 34 11.02 -29.49 -34.21
N MSE E 35 11.09 -29.04 -35.47
CA MSE E 35 11.60 -29.87 -36.54
C MSE E 35 13.10 -30.13 -36.39
O MSE E 35 13.57 -31.25 -36.56
CB MSE E 35 11.29 -29.25 -37.91
CG MSE E 35 9.80 -29.22 -38.24
SE MSE E 35 9.39 -28.30 -39.91
CE MSE E 35 10.25 -29.52 -41.17
N GLN E 36 13.85 -29.08 -36.05
CA GLN E 36 15.28 -29.23 -35.82
C GLN E 36 15.54 -30.20 -34.67
N ASP E 37 14.74 -30.07 -33.62
CA ASP E 37 14.78 -30.98 -32.49
C ASP E 37 14.57 -32.41 -32.98
N ASN E 38 13.51 -32.59 -33.76
CA ASN E 38 13.09 -33.90 -34.24
C ASN E 38 14.11 -34.56 -35.17
N TRP E 39 14.89 -33.75 -35.87
CA TRP E 39 15.93 -34.26 -36.76
C TRP E 39 17.20 -34.67 -36.01
N GLY E 40 17.32 -34.22 -34.77
CA GLY E 40 18.50 -34.53 -33.99
C GLY E 40 19.38 -33.32 -33.72
N PHE E 41 19.07 -32.21 -34.37
CA PHE E 41 19.83 -30.98 -34.21
C PHE E 41 19.38 -30.25 -32.94
N THR E 42 19.58 -30.91 -31.81
CA THR E 42 19.04 -30.47 -30.53
C THR E 42 19.67 -29.19 -30.00
N GLU E 43 20.95 -28.99 -30.28
CA GLU E 43 21.64 -27.77 -29.81
C GLU E 43 21.08 -26.54 -30.52
N LEU E 44 20.94 -26.62 -31.83
CA LEU E 44 20.37 -25.53 -32.59
C LEU E 44 18.91 -25.29 -32.22
N ALA E 45 18.15 -26.37 -32.04
CA ALA E 45 16.73 -26.26 -31.74
C ALA E 45 16.48 -25.35 -30.54
N ALA E 46 17.32 -25.45 -29.52
CA ALA E 46 17.15 -24.68 -28.31
C ALA E 46 17.29 -23.20 -28.60
N HIS E 47 18.21 -22.86 -29.50
CA HIS E 47 18.46 -21.49 -29.89
C HIS E 47 17.28 -20.91 -30.67
N THR E 48 16.85 -21.64 -31.69
CA THR E 48 15.69 -21.25 -32.48
C THR E 48 14.45 -21.09 -31.62
N ARG E 49 14.30 -21.95 -30.63
CA ARG E 49 13.15 -21.90 -29.73
C ARG E 49 13.13 -20.59 -28.97
N ALA E 50 14.33 -20.13 -28.58
CA ALA E 50 14.46 -18.89 -27.83
C ALA E 50 14.05 -17.68 -28.67
N GLU E 51 14.39 -17.69 -29.95
CA GLU E 51 14.00 -16.61 -30.85
C GLU E 51 12.49 -16.51 -30.91
N SER E 52 11.83 -17.67 -30.89
CA SER E 52 10.38 -17.75 -30.93
C SER E 52 9.72 -17.04 -29.76
N PHE E 53 10.27 -17.24 -28.56
CA PHE E 53 9.72 -16.63 -27.35
C PHE E 53 10.01 -15.13 -27.33
N ASP E 54 11.10 -14.75 -27.99
CA ASP E 54 11.48 -13.36 -28.11
C ASP E 54 10.46 -12.60 -28.96
N GLU E 55 9.98 -13.24 -30.03
CA GLU E 55 8.92 -12.64 -30.85
C GLU E 55 7.62 -12.55 -30.05
N MSE E 56 7.43 -13.48 -29.12
CA MSE E 56 6.27 -13.44 -28.24
C MSE E 56 6.29 -12.18 -27.42
O MSE E 56 5.25 -11.56 -27.19
CB MSE E 56 6.29 -14.63 -27.28
CG MSE E 56 6.41 -15.97 -27.96
SE MSE E 56 5.73 -17.42 -26.86
CE MSE E 56 6.26 -18.82 -28.09
N ARG E 57 7.48 -11.81 -26.96
CA ARG E 57 7.67 -10.60 -26.17
C ARG E 57 7.34 -9.37 -27.02
N HIS E 58 7.75 -9.39 -28.28
CA HIS E 58 7.41 -8.31 -29.21
C HIS E 58 5.90 -8.21 -29.39
N ALA E 59 5.28 -9.34 -29.71
CA ALA E 59 3.83 -9.40 -29.88
C ALA E 59 3.10 -8.76 -28.70
N GLU E 60 3.53 -9.09 -27.48
CA GLU E 60 2.88 -8.55 -26.30
C GLU E 60 3.08 -7.04 -26.19
N GLU E 61 4.29 -6.59 -26.46
CA GLU E 61 4.59 -5.15 -26.42
C GLU E 61 3.71 -4.35 -27.38
N ILE E 62 3.48 -4.90 -28.57
CA ILE E 62 2.64 -4.26 -29.57
C ILE E 62 1.17 -4.29 -29.17
N THR E 63 0.72 -5.45 -28.69
CA THR E 63 -0.63 -5.59 -28.18
C THR E 63 -0.92 -4.53 -27.12
N ASP E 64 0.01 -4.36 -26.18
CA ASP E 64 -0.11 -3.35 -25.14
C ASP E 64 -0.23 -1.94 -25.72
N ARG E 65 0.66 -1.60 -26.65
CA ARG E 65 0.63 -0.28 -27.27
C ARG E 65 -0.72 -0.03 -27.94
N ILE E 66 -1.21 -1.05 -28.65
CA ILE E 66 -2.49 -0.95 -29.35
C ILE E 66 -3.64 -0.70 -28.36
N LEU E 67 -3.68 -1.48 -27.28
CA LEU E 67 -4.74 -1.35 -26.29
C LEU E 67 -4.70 0.02 -25.61
N LEU E 68 -3.49 0.51 -25.35
CA LEU E 68 -3.33 1.83 -24.75
C LEU E 68 -3.90 2.89 -25.68
N LEU E 69 -3.77 2.64 -26.99
CA LEU E 69 -4.21 3.60 -28.00
C LEU E 69 -5.67 3.45 -28.42
N ASP E 70 -6.41 2.60 -27.72
CA ASP E 70 -7.84 2.41 -27.97
C ASP E 70 -8.15 1.59 -29.21
N GLY E 71 -7.16 0.87 -29.73
CA GLY E 71 -7.37 0.00 -30.87
C GLY E 71 -7.76 -1.39 -30.43
N LEU E 72 -8.07 -2.25 -31.39
CA LEU E 72 -8.31 -3.65 -31.10
C LEU E 72 -7.21 -4.47 -31.78
N PRO E 73 -6.39 -5.17 -30.97
CA PRO E 73 -5.32 -6.01 -31.51
C PRO E 73 -5.88 -7.13 -32.37
N ASN E 74 -5.23 -7.43 -33.49
CA ASN E 74 -5.71 -8.48 -34.37
C ASN E 74 -5.02 -9.82 -34.13
N TYR E 75 -5.73 -10.74 -33.49
CA TYR E 75 -5.22 -12.07 -33.22
C TYR E 75 -5.85 -13.13 -34.12
N GLN E 76 -6.55 -12.67 -35.15
CA GLN E 76 -7.31 -13.55 -36.04
C GLN E 76 -6.52 -13.96 -37.28
N ARG E 77 -5.59 -13.11 -37.69
CA ARG E 77 -4.91 -13.24 -38.97
C ARG E 77 -3.47 -13.74 -38.82
N ILE E 78 -3.14 -14.84 -39.49
CA ILE E 78 -1.76 -15.29 -39.59
C ILE E 78 -1.28 -15.09 -41.01
N GLY E 79 -0.03 -14.73 -41.17
CA GLY E 79 0.55 -14.57 -42.50
C GLY E 79 0.86 -15.93 -43.08
N SER E 80 1.52 -15.95 -44.25
CA SER E 80 1.90 -17.19 -44.89
C SER E 80 2.97 -17.92 -44.07
N LEU E 81 3.05 -19.24 -44.25
CA LEU E 81 4.01 -20.04 -43.51
C LEU E 81 5.02 -20.71 -44.45
N ARG E 82 6.27 -20.23 -44.41
CA ARG E 82 7.33 -20.79 -45.22
C ARG E 82 8.13 -21.83 -44.44
N ILE E 83 7.64 -23.06 -44.43
CA ILE E 83 8.30 -24.13 -43.68
C ILE E 83 9.43 -24.77 -44.47
N GLY E 84 10.65 -24.65 -43.94
CA GLY E 84 11.81 -25.24 -44.58
C GLY E 84 11.92 -26.73 -44.28
N GLN E 85 12.44 -27.48 -45.25
CA GLN E 85 12.58 -28.93 -45.10
C GLN E 85 14.04 -29.33 -44.89
N THR E 86 14.92 -28.33 -44.84
CA THR E 86 16.33 -28.55 -44.52
C THR E 86 16.78 -27.37 -43.69
N LEU E 87 17.88 -27.53 -42.96
CA LEU E 87 18.42 -26.43 -42.18
C LEU E 87 18.53 -25.17 -43.03
N ARG E 88 19.15 -25.28 -44.21
CA ARG E 88 19.38 -24.11 -45.05
C ARG E 88 18.06 -23.44 -45.49
N GLU E 89 17.06 -24.25 -45.83
CA GLU E 89 15.77 -23.70 -46.23
C GLU E 89 15.14 -22.98 -45.04
N GLN E 90 15.31 -23.54 -43.85
CA GLN E 90 14.74 -22.93 -42.64
C GLN E 90 15.39 -21.58 -42.34
N PHE E 91 16.71 -21.51 -42.48
CA PHE E 91 17.41 -20.24 -42.27
C PHE E 91 16.93 -19.19 -43.26
N GLU E 92 16.86 -19.57 -44.54
CA GLU E 92 16.41 -18.67 -45.59
C GLU E 92 14.96 -18.22 -45.39
N ALA E 93 14.09 -19.18 -45.08
CA ALA E 93 12.68 -18.86 -44.80
C ALA E 93 12.53 -17.81 -43.71
N ASP E 94 13.29 -17.97 -42.63
CA ASP E 94 13.20 -17.07 -41.48
C ASP E 94 13.80 -15.70 -41.81
N LEU E 95 14.87 -15.70 -42.58
CA LEU E 95 15.48 -14.48 -43.08
C LEU E 95 14.45 -13.65 -43.85
N ALA E 96 13.68 -14.33 -44.71
CA ALA E 96 12.66 -13.67 -45.51
C ALA E 96 11.62 -12.91 -44.70
N ILE E 97 11.17 -13.50 -43.58
CA ILE E 97 10.26 -12.81 -42.68
C ILE E 97 10.94 -11.57 -42.12
N GLU E 98 12.21 -11.69 -41.79
CA GLU E 98 12.94 -10.60 -41.15
C GLU E 98 13.04 -9.38 -42.05
N TYR E 99 13.40 -9.60 -43.33
CA TYR E 99 13.56 -8.51 -44.27
C TYR E 99 12.26 -7.76 -44.46
N ASP E 100 11.15 -8.49 -44.44
CA ASP E 100 9.84 -7.86 -44.62
C ASP E 100 9.52 -6.94 -43.45
N VAL E 101 9.93 -7.34 -42.25
CA VAL E 101 9.75 -6.49 -41.07
C VAL E 101 10.50 -5.18 -41.26
N LEU E 102 11.73 -5.25 -41.74
CA LEU E 102 12.52 -4.04 -41.97
C LEU E 102 11.89 -3.16 -43.04
N ASN E 103 11.42 -3.77 -44.12
CA ASN E 103 10.79 -3.03 -45.20
C ASN E 103 9.59 -2.26 -44.70
N ARG E 104 8.85 -2.85 -43.75
CA ARG E 104 7.64 -2.22 -43.26
C ARG E 104 7.91 -1.18 -42.18
N LEU E 105 8.87 -1.46 -41.30
CA LEU E 105 9.08 -0.66 -40.11
C LEU E 105 9.94 0.59 -40.32
N LYS E 106 10.88 0.52 -41.26
CA LYS E 106 11.71 1.68 -41.53
C LYS E 106 10.89 2.93 -41.92
N PRO E 107 10.02 2.80 -42.94
CA PRO E 107 9.17 3.94 -43.31
C PRO E 107 8.13 4.18 -42.22
N GLY E 108 7.66 3.12 -41.59
CA GLY E 108 6.64 3.23 -40.56
C GLY E 108 7.07 4.12 -39.41
N ILE E 109 8.32 3.97 -39.00
CA ILE E 109 8.86 4.76 -37.90
C ILE E 109 8.83 6.25 -38.21
N VAL E 110 9.26 6.61 -39.42
CA VAL E 110 9.27 7.99 -39.85
C VAL E 110 7.88 8.58 -39.77
N MSE E 111 6.91 7.82 -40.25
CA MSE E 111 5.53 8.28 -40.20
C MSE E 111 5.05 8.52 -38.77
O MSE E 111 4.47 9.56 -38.47
CB MSE E 111 4.59 7.30 -40.87
CG MSE E 111 3.16 7.72 -40.69
SE MSE E 111 1.96 6.21 -40.57
CE MSE E 111 2.02 5.71 -42.44
N CYS E 112 5.28 7.54 -37.89
CA CYS E 112 4.88 7.67 -36.48
C CYS E 112 5.36 9.00 -35.91
N ARG E 113 6.60 9.38 -36.23
CA ARG E 113 7.15 10.61 -35.72
C ARG E 113 6.51 11.83 -36.38
N GLU E 114 6.20 11.72 -37.67
CA GLU E 114 5.47 12.78 -38.36
C GLU E 114 4.09 12.96 -37.75
N LYS E 115 3.48 11.86 -37.32
CA LYS E 115 2.17 11.88 -36.68
C LYS E 115 2.31 12.20 -35.20
N GLN E 116 3.53 12.50 -34.77
CA GLN E 116 3.81 12.92 -33.40
C GLN E 116 3.51 11.86 -32.34
N ASP E 117 3.61 10.58 -32.73
CA ASP E 117 3.52 9.48 -31.78
C ASP E 117 4.90 8.88 -31.57
N THR E 118 5.67 9.46 -30.67
CA THR E 118 7.04 9.01 -30.45
C THR E 118 7.13 7.71 -29.65
N THR E 119 6.16 7.48 -28.77
CA THR E 119 6.17 6.26 -27.97
C THR E 119 6.03 5.01 -28.86
N SER E 120 5.12 5.08 -29.83
CA SER E 120 4.98 4.00 -30.80
C SER E 120 6.25 3.91 -31.63
N ALA E 121 6.82 5.06 -31.96
CA ALA E 121 8.02 5.08 -32.79
C ALA E 121 9.19 4.40 -32.09
N VAL E 122 9.39 4.72 -30.81
CA VAL E 122 10.49 4.14 -30.05
C VAL E 122 10.30 2.63 -29.92
N LEU E 123 9.05 2.20 -29.76
CA LEU E 123 8.76 0.78 -29.68
C LEU E 123 9.27 0.09 -30.94
N LEU E 124 8.91 0.64 -32.10
CA LEU E 124 9.29 0.06 -33.37
C LEU E 124 10.79 0.18 -33.65
N GLU E 125 11.42 1.21 -33.09
CA GLU E 125 12.87 1.37 -33.21
C GLU E 125 13.62 0.25 -32.51
N LYS E 126 13.13 -0.15 -31.34
CA LYS E 126 13.74 -1.25 -30.61
C LYS E 126 13.57 -2.57 -31.37
N ILE E 127 12.39 -2.78 -31.93
CA ILE E 127 12.13 -4.00 -32.69
C ILE E 127 13.07 -4.08 -33.89
N VAL E 128 13.26 -2.95 -34.57
CA VAL E 128 14.18 -2.91 -35.70
C VAL E 128 15.58 -3.31 -35.25
N ALA E 129 16.03 -2.70 -34.16
CA ALA E 129 17.34 -3.01 -33.59
C ALA E 129 17.49 -4.50 -33.30
N ASP E 130 16.48 -5.10 -32.69
CA ASP E 130 16.49 -6.54 -32.41
C ASP E 130 16.55 -7.37 -33.70
N GLU E 131 15.74 -6.99 -34.69
CA GLU E 131 15.64 -7.75 -35.93
C GLU E 131 16.95 -7.70 -36.72
N GLU E 132 17.63 -6.55 -36.67
CA GLU E 132 18.90 -6.43 -37.37
C GLU E 132 19.91 -7.43 -36.81
N GLU E 133 19.88 -7.64 -35.50
CA GLU E 133 20.77 -8.62 -34.86
C GLU E 133 20.44 -10.03 -35.32
N HIS E 134 19.16 -10.36 -35.36
CA HIS E 134 18.75 -11.69 -35.76
C HIS E 134 19.06 -11.97 -37.24
N ILE E 135 18.79 -10.99 -38.09
CA ILE E 135 19.16 -11.06 -39.51
C ILE E 135 20.64 -11.36 -39.66
N ASP E 136 21.46 -10.66 -38.87
CA ASP E 136 22.90 -10.86 -38.91
C ASP E 136 23.25 -12.29 -38.54
N TYR E 137 22.61 -12.79 -37.48
CA TYR E 137 22.83 -14.15 -37.01
C TYR E 137 22.52 -15.17 -38.11
N LEU E 138 21.36 -15.01 -38.75
CA LEU E 138 20.94 -15.93 -39.79
C LEU E 138 21.85 -15.89 -41.02
N GLU E 139 22.25 -14.69 -41.43
CA GLU E 139 23.17 -14.56 -42.56
C GLU E 139 24.53 -15.17 -42.27
N THR E 140 25.00 -15.00 -41.03
CA THR E 140 26.27 -15.58 -40.61
C THR E 140 26.24 -17.11 -40.64
N GLN E 141 25.10 -17.69 -40.29
CA GLN E 141 24.96 -19.15 -40.31
C GLN E 141 25.03 -19.67 -41.74
N LEU E 142 24.42 -18.94 -42.67
CA LEU E 142 24.45 -19.33 -44.08
C LEU E 142 25.86 -19.24 -44.64
N GLU E 143 26.59 -18.21 -44.22
CA GLU E 143 28.00 -18.09 -44.57
C GLU E 143 28.82 -19.23 -43.98
N LEU E 144 28.52 -19.61 -42.74
CA LEU E 144 29.22 -20.71 -42.09
C LEU E 144 28.98 -22.03 -42.82
N MSE E 145 27.77 -22.23 -43.32
CA MSE E 145 27.47 -23.47 -44.02
C MSE E 145 28.32 -23.63 -45.28
O MSE E 145 28.78 -24.73 -45.59
CB MSE E 145 25.99 -23.56 -44.38
CG MSE E 145 25.09 -23.82 -43.19
SE MSE E 145 23.25 -24.20 -43.71
CE MSE E 145 23.58 -25.70 -44.91
N ASP E 146 28.55 -22.53 -45.98
CA ASP E 146 29.38 -22.55 -47.18
C ASP E 146 30.86 -22.71 -46.83
N LYS E 147 31.30 -22.05 -45.75
CA LYS E 147 32.70 -22.09 -45.37
C LYS E 147 33.10 -23.46 -44.82
N LEU E 148 32.22 -24.06 -44.03
CA LEU E 148 32.51 -25.33 -43.39
C LEU E 148 32.02 -26.53 -44.20
N GLY E 149 30.88 -26.36 -44.86
CA GLY E 149 30.23 -27.47 -45.53
C GLY E 149 29.03 -27.89 -44.71
N GLU E 150 27.96 -28.31 -45.38
CA GLU E 150 26.70 -28.60 -44.68
C GLU E 150 26.83 -29.65 -43.58
N GLU E 151 27.57 -30.72 -43.86
CA GLU E 151 27.69 -31.81 -42.90
C GLU E 151 28.50 -31.36 -41.69
N LEU E 152 29.60 -30.67 -41.94
CA LEU E 152 30.48 -30.21 -40.89
C LEU E 152 29.75 -29.17 -40.02
N TYR E 153 28.99 -28.29 -40.66
CA TYR E 153 28.21 -27.30 -39.93
C TYR E 153 27.13 -27.98 -39.10
N SER E 154 26.46 -28.97 -39.68
CA SER E 154 25.37 -29.66 -39.00
C SER E 154 25.86 -30.47 -37.79
N ALA E 155 27.10 -30.94 -37.87
CA ALA E 155 27.69 -31.70 -36.77
C ALA E 155 27.89 -30.84 -35.52
N GLN E 156 28.06 -29.53 -35.73
CA GLN E 156 28.17 -28.58 -34.62
C GLN E 156 26.81 -28.27 -34.01
N CYS E 157 25.77 -28.92 -34.54
CA CYS E 157 24.40 -28.64 -34.11
C CYS E 157 23.79 -29.80 -33.33
N VAL E 158 24.53 -30.90 -33.21
CA VAL E 158 24.07 -32.04 -32.43
C VAL E 158 24.83 -32.07 -31.13
N SER E 159 24.33 -32.86 -30.17
CA SER E 159 25.03 -33.02 -28.90
C SER E 159 26.00 -34.20 -28.97
N ARG E 160 26.70 -34.45 -27.85
CA ARG E 160 27.64 -35.56 -27.75
C ARG E 160 27.30 -36.46 -26.58
N PRO E 161 26.73 -37.63 -26.86
CA PRO E 161 26.46 -38.09 -28.23
C PRO E 161 25.22 -37.40 -28.77
N PRO E 162 24.91 -37.60 -30.06
CA PRO E 162 23.67 -37.06 -30.61
C PRO E 162 22.46 -37.63 -29.87
N THR E 163 21.39 -36.85 -29.76
CA THR E 163 20.15 -37.34 -29.16
C THR E 163 18.95 -37.04 -30.04
N SER E 164 17.76 -37.10 -29.47
CA SER E 164 16.55 -36.77 -30.21
C SER E 164 15.59 -35.93 -29.36
N ALA E 165 14.46 -35.56 -29.96
CA ALA E 165 13.51 -34.65 -29.32
C ALA E 165 13.07 -35.09 -27.93
N TRP E 166 13.34 -36.34 -27.56
CA TRP E 166 12.94 -36.85 -26.26
C TRP E 166 13.56 -38.22 -25.99
N GLN F 6 4.46 -44.13 -40.62
CA GLN F 6 3.96 -44.27 -39.26
C GLN F 6 2.79 -43.30 -39.04
N GLY F 7 1.84 -43.69 -38.20
CA GLY F 7 0.73 -42.82 -37.88
C GLY F 7 -0.46 -42.96 -38.81
N ASP F 8 -1.59 -43.40 -38.24
CA ASP F 8 -2.84 -43.55 -38.97
C ASP F 8 -3.30 -42.17 -39.48
N PRO F 9 -3.75 -42.11 -40.75
CA PRO F 9 -4.12 -40.83 -41.37
C PRO F 9 -5.31 -40.19 -40.67
N ASP F 10 -6.22 -41.01 -40.16
CA ASP F 10 -7.39 -40.49 -39.46
C ASP F 10 -6.97 -39.92 -38.11
N VAL F 11 -6.02 -40.58 -37.45
CA VAL F 11 -5.53 -40.13 -36.17
C VAL F 11 -4.80 -38.79 -36.32
N LEU F 12 -3.99 -38.67 -37.36
CA LEU F 12 -3.24 -37.44 -37.60
C LEU F 12 -4.17 -36.27 -37.91
N ARG F 13 -5.27 -36.55 -38.62
CA ARG F 13 -6.25 -35.51 -38.92
C ARG F 13 -6.94 -35.03 -37.65
N LEU F 14 -7.23 -35.97 -36.75
CA LEU F 14 -7.84 -35.62 -35.49
C LEU F 14 -6.88 -34.76 -34.66
N LEU F 15 -5.62 -35.17 -34.61
CA LEU F 15 -4.61 -34.43 -33.87
C LEU F 15 -4.44 -33.01 -34.39
N ASN F 16 -4.34 -32.87 -35.72
CA ASN F 16 -4.22 -31.55 -36.33
C ASN F 16 -5.43 -30.67 -36.11
N GLU F 17 -6.60 -31.30 -36.02
CA GLU F 17 -7.82 -30.56 -35.81
C GLU F 17 -7.84 -30.00 -34.39
N GLN F 18 -7.35 -30.80 -33.45
CA GLN F 18 -7.24 -30.37 -32.07
C GLN F 18 -6.19 -29.27 -31.93
N LEU F 19 -5.11 -29.40 -32.70
CA LEU F 19 -4.06 -28.40 -32.71
C LEU F 19 -4.59 -27.04 -33.16
N THR F 20 -5.43 -27.03 -34.19
CA THR F 20 -6.02 -25.78 -34.67
C THR F 20 -6.89 -25.19 -33.57
N SER F 21 -7.60 -26.06 -32.87
CA SER F 21 -8.46 -25.63 -31.78
C SER F 21 -7.62 -25.00 -30.68
N GLU F 22 -6.47 -25.60 -30.40
CA GLU F 22 -5.58 -25.09 -29.36
C GLU F 22 -5.06 -23.70 -29.72
N LEU F 23 -4.65 -23.50 -30.96
CA LEU F 23 -4.09 -22.21 -31.38
C LEU F 23 -5.15 -21.13 -31.26
N THR F 24 -6.39 -21.49 -31.59
CA THR F 24 -7.52 -20.58 -31.45
C THR F 24 -7.73 -20.22 -29.98
N ALA F 25 -7.81 -21.24 -29.13
CA ALA F 25 -8.04 -21.03 -27.71
C ALA F 25 -6.94 -20.16 -27.12
N ILE F 26 -5.71 -20.38 -27.57
CA ILE F 26 -4.59 -19.62 -27.04
C ILE F 26 -4.70 -18.13 -27.33
N ASN F 27 -4.87 -17.78 -28.60
CA ASN F 27 -5.04 -16.38 -28.97
C ASN F 27 -6.23 -15.74 -28.27
N GLN F 28 -7.37 -16.43 -28.27
CA GLN F 28 -8.58 -15.87 -27.69
C GLN F 28 -8.43 -15.64 -26.20
N TYR F 29 -7.92 -16.64 -25.49
CA TYR F 29 -7.71 -16.52 -24.05
C TYR F 29 -6.69 -15.43 -23.74
N PHE F 30 -5.60 -15.37 -24.51
CA PHE F 30 -4.59 -14.35 -24.28
C PHE F 30 -5.11 -12.94 -24.45
N LEU F 31 -5.83 -12.70 -25.55
CA LEU F 31 -6.42 -11.38 -25.80
C LEU F 31 -7.41 -11.00 -24.70
N HIS F 32 -8.31 -11.91 -24.36
CA HIS F 32 -9.26 -11.65 -23.28
C HIS F 32 -8.53 -11.21 -22.01
N SER F 33 -7.39 -11.84 -21.74
CA SER F 33 -6.65 -11.53 -20.51
C SER F 33 -6.04 -10.12 -20.58
N LYS F 34 -5.54 -9.74 -21.75
CA LYS F 34 -5.03 -8.39 -21.94
C LYS F 34 -6.17 -7.38 -21.82
N MSE F 35 -7.34 -7.73 -22.34
CA MSE F 35 -8.51 -6.88 -22.25
C MSE F 35 -9.00 -6.73 -20.81
O MSE F 35 -9.29 -5.62 -20.36
CB MSE F 35 -9.63 -7.39 -23.15
CG MSE F 35 -9.30 -7.28 -24.61
SE MSE F 35 -10.72 -7.97 -25.77
CE MSE F 35 -12.14 -6.72 -25.33
N GLN F 36 -9.09 -7.85 -20.09
CA GLN F 36 -9.43 -7.80 -18.68
C GLN F 36 -8.42 -6.97 -17.91
N ASP F 37 -7.14 -7.17 -18.22
CA ASP F 37 -6.09 -6.37 -17.59
C ASP F 37 -6.33 -4.90 -17.89
N ASN F 38 -6.66 -4.61 -19.15
CA ASN F 38 -6.79 -3.24 -19.62
C ASN F 38 -8.05 -2.55 -19.08
N TRP F 39 -9.05 -3.34 -18.72
CA TRP F 39 -10.27 -2.79 -18.10
C TRP F 39 -10.07 -2.51 -16.61
N GLY F 40 -8.98 -3.03 -16.06
CA GLY F 40 -8.72 -2.86 -14.64
C GLY F 40 -9.01 -4.11 -13.81
N PHE F 41 -9.50 -5.16 -14.46
CA PHE F 41 -9.73 -6.43 -13.78
C PHE F 41 -8.44 -7.25 -13.77
N THR F 42 -7.43 -6.70 -13.09
CA THR F 42 -6.07 -7.23 -13.13
C THR F 42 -5.89 -8.56 -12.39
N GLU F 43 -6.74 -8.80 -11.38
CA GLU F 43 -6.66 -10.05 -10.64
C GLU F 43 -7.18 -11.23 -11.48
N LEU F 44 -8.35 -11.05 -12.07
CA LEU F 44 -8.90 -12.06 -12.96
C LEU F 44 -8.02 -12.22 -14.20
N ALA F 45 -7.42 -11.11 -14.65
CA ALA F 45 -6.55 -11.12 -15.82
C ALA F 45 -5.41 -12.13 -15.66
N ALA F 46 -4.84 -12.21 -14.46
CA ALA F 46 -3.73 -13.11 -14.20
C ALA F 46 -4.15 -14.56 -14.34
N HIS F 47 -5.36 -14.87 -13.89
CA HIS F 47 -5.90 -16.22 -13.99
C HIS F 47 -6.09 -16.64 -15.44
N THR F 48 -6.72 -15.76 -16.21
CA THR F 48 -6.97 -16.00 -17.63
C THR F 48 -5.66 -16.14 -18.40
N ARG F 49 -4.67 -15.35 -18.03
CA ARG F 49 -3.35 -15.44 -18.67
C ARG F 49 -2.75 -16.83 -18.51
N ALA F 50 -2.87 -17.38 -17.29
CA ALA F 50 -2.37 -18.71 -16.99
C ALA F 50 -3.11 -19.79 -17.79
N GLU F 51 -4.41 -19.58 -18.02
CA GLU F 51 -5.19 -20.50 -18.83
C GLU F 51 -4.68 -20.58 -20.28
N SER F 52 -4.19 -19.46 -20.81
CA SER F 52 -3.69 -19.43 -22.17
C SER F 52 -2.32 -20.10 -22.28
N PHE F 53 -1.51 -19.98 -21.24
CA PHE F 53 -0.22 -20.65 -21.22
C PHE F 53 -0.40 -22.15 -21.08
N ASP F 54 -1.47 -22.54 -20.39
CA ASP F 54 -1.81 -23.94 -20.22
C ASP F 54 -2.18 -24.56 -21.56
N GLU F 55 -2.86 -23.78 -22.40
CA GLU F 55 -3.18 -24.21 -23.76
C GLU F 55 -1.94 -24.25 -24.64
N MSE F 56 -0.95 -23.42 -24.34
CA MSE F 56 0.31 -23.46 -25.09
C MSE F 56 0.92 -24.81 -24.90
O MSE F 56 1.49 -25.39 -25.82
CB MSE F 56 1.28 -22.40 -24.58
CG MSE F 56 0.71 -21.03 -24.37
SE MSE F 56 1.99 -19.58 -24.69
CE MSE F 56 0.73 -18.10 -24.57
N ARG F 57 0.80 -25.32 -23.67
CA ARG F 57 1.39 -26.59 -23.29
C ARG F 57 0.71 -27.74 -24.02
N HIS F 58 -0.62 -27.68 -24.10
CA HIS F 58 -1.37 -28.67 -24.87
C HIS F 58 -0.90 -28.65 -26.31
N ALA F 59 -0.84 -27.44 -26.87
CA ALA F 59 -0.40 -27.26 -28.26
C ALA F 59 0.94 -27.93 -28.54
N GLU F 60 1.87 -27.82 -27.60
CA GLU F 60 3.19 -28.41 -27.79
C GLU F 60 3.17 -29.94 -27.71
N GLU F 61 2.45 -30.48 -26.73
CA GLU F 61 2.35 -31.92 -26.58
C GLU F 61 1.79 -32.55 -27.85
N ILE F 62 0.73 -31.97 -28.38
CA ILE F 62 0.12 -32.44 -29.61
C ILE F 62 1.11 -32.35 -30.77
N THR F 63 1.83 -31.23 -30.86
CA THR F 63 2.85 -31.04 -31.87
C THR F 63 3.88 -32.15 -31.80
N ASP F 64 4.32 -32.48 -30.60
CA ASP F 64 5.29 -33.55 -30.38
C ASP F 64 4.77 -34.87 -30.89
N ARG F 65 3.52 -35.17 -30.56
CA ARG F 65 2.91 -36.43 -30.98
C ARG F 65 2.79 -36.53 -32.50
N ILE F 66 2.37 -35.44 -33.14
CA ILE F 66 2.27 -35.43 -34.59
C ILE F 66 3.63 -35.69 -35.24
N LEU F 67 4.65 -35.02 -34.74
CA LEU F 67 5.99 -35.19 -35.29
C LEU F 67 6.52 -36.61 -35.08
N LEU F 68 6.30 -37.17 -33.90
CA LEU F 68 6.72 -38.52 -33.61
C LEU F 68 6.05 -39.48 -34.58
N LEU F 69 4.86 -39.13 -35.04
CA LEU F 69 4.08 -39.96 -35.94
C LEU F 69 4.37 -39.69 -37.41
N ASP F 70 5.38 -38.88 -37.67
CA ASP F 70 5.76 -38.49 -39.04
C ASP F 70 4.74 -37.60 -39.72
N GLY F 71 3.92 -36.92 -38.94
CA GLY F 71 2.99 -35.95 -39.50
C GLY F 71 3.64 -34.58 -39.62
N LEU F 72 2.97 -33.67 -40.31
CA LEU F 72 3.41 -32.29 -40.34
C LEU F 72 2.39 -31.40 -39.64
N PRO F 73 2.77 -30.86 -38.48
CA PRO F 73 1.83 -30.09 -37.65
C PRO F 73 1.33 -28.85 -38.40
N ASN F 74 0.04 -28.58 -38.30
CA ASN F 74 -0.56 -27.44 -38.98
C ASN F 74 -0.56 -26.19 -38.11
N TYR F 75 0.34 -25.27 -38.41
CA TYR F 75 0.43 -23.98 -37.71
C TYR F 75 -0.04 -22.82 -38.58
N GLN F 76 -0.69 -23.15 -39.70
CA GLN F 76 -1.12 -22.14 -40.66
C GLN F 76 -2.58 -21.76 -40.47
N ARG F 77 -3.35 -22.70 -39.92
CA ARG F 77 -4.80 -22.57 -39.84
C ARG F 77 -5.25 -22.16 -38.44
N ILE F 78 -6.06 -21.11 -38.35
CA ILE F 78 -6.62 -20.72 -37.07
C ILE F 78 -8.14 -20.64 -37.15
N GLY F 79 -8.80 -20.90 -36.03
CA GLY F 79 -10.25 -20.87 -35.97
C GLY F 79 -10.77 -19.46 -35.80
N SER F 80 -12.09 -19.32 -35.78
CA SER F 80 -12.73 -18.02 -35.62
C SER F 80 -12.67 -17.55 -34.17
N LEU F 81 -12.21 -16.32 -33.97
CA LEU F 81 -12.10 -15.75 -32.64
C LEU F 81 -13.38 -15.02 -32.23
N ARG F 82 -13.90 -15.35 -31.05
CA ARG F 82 -15.12 -14.72 -30.56
C ARG F 82 -14.84 -13.85 -29.34
N ILE F 83 -14.00 -12.84 -29.53
CA ILE F 83 -13.64 -11.92 -28.45
C ILE F 83 -14.86 -11.18 -27.92
N GLY F 84 -15.05 -11.22 -26.61
CA GLY F 84 -16.17 -10.55 -25.98
C GLY F 84 -15.88 -9.09 -25.67
N GLN F 85 -16.91 -8.36 -25.26
CA GLN F 85 -16.76 -6.94 -24.94
C GLN F 85 -17.13 -6.67 -23.48
N THR F 86 -17.54 -7.73 -22.79
CA THR F 86 -17.82 -7.67 -21.36
C THR F 86 -17.29 -8.94 -20.71
N LEU F 87 -17.16 -8.93 -19.38
CA LEU F 87 -16.67 -10.10 -18.66
C LEU F 87 -17.54 -11.32 -18.95
N ARG F 88 -18.85 -11.14 -18.88
CA ARG F 88 -19.78 -12.23 -19.08
C ARG F 88 -19.67 -12.81 -20.49
N GLU F 89 -19.51 -11.93 -21.48
CA GLU F 89 -19.35 -12.36 -22.86
C GLU F 89 -18.06 -13.14 -23.05
N GLN F 90 -17.00 -12.71 -22.38
CA GLN F 90 -15.72 -13.39 -22.47
C GLN F 90 -15.80 -14.80 -21.88
N PHE F 91 -16.48 -14.94 -20.75
CA PHE F 91 -16.69 -16.25 -20.15
C PHE F 91 -17.49 -17.15 -21.08
N GLU F 92 -18.57 -16.63 -21.64
CA GLU F 92 -19.41 -17.38 -22.57
C GLU F 92 -18.68 -17.76 -23.86
N ALA F 93 -17.86 -16.84 -24.37
CA ALA F 93 -17.10 -17.11 -25.58
C ALA F 93 -16.08 -18.23 -25.37
N ASP F 94 -15.42 -18.22 -24.21
CA ASP F 94 -14.36 -19.18 -23.93
C ASP F 94 -14.96 -20.55 -23.62
N LEU F 95 -16.16 -20.55 -23.06
CA LEU F 95 -16.88 -21.77 -22.77
C LEU F 95 -17.26 -22.44 -24.09
N ALA F 96 -17.57 -21.62 -25.09
CA ALA F 96 -17.97 -22.12 -26.39
C ALA F 96 -16.89 -23.02 -26.99
N ILE F 97 -15.64 -22.56 -26.93
CA ILE F 97 -14.52 -23.31 -27.47
C ILE F 97 -14.27 -24.61 -26.68
N GLU F 98 -14.50 -24.59 -25.37
CA GLU F 98 -14.29 -25.75 -24.50
C GLU F 98 -15.25 -26.88 -24.84
N TYR F 99 -16.51 -26.48 -25.10
CA TYR F 99 -17.53 -27.47 -25.43
C TYR F 99 -17.22 -28.13 -26.77
N ASP F 100 -16.77 -27.34 -27.73
CA ASP F 100 -16.42 -27.86 -29.04
C ASP F 100 -15.31 -28.88 -28.92
N VAL F 101 -14.36 -28.62 -28.03
CA VAL F 101 -13.28 -29.56 -27.78
C VAL F 101 -13.80 -30.89 -27.27
N LEU F 102 -14.70 -30.86 -26.30
CA LEU F 102 -15.29 -32.09 -25.79
C LEU F 102 -16.04 -32.84 -26.91
N ASN F 103 -16.82 -32.10 -27.70
CA ASN F 103 -17.59 -32.70 -28.78
C ASN F 103 -16.71 -33.45 -29.76
N ARG F 104 -15.49 -32.94 -29.97
CA ARG F 104 -14.57 -33.54 -30.93
C ARG F 104 -13.75 -34.69 -30.35
N LEU F 105 -13.27 -34.53 -29.11
CA LEU F 105 -12.32 -35.46 -28.53
C LEU F 105 -12.95 -36.71 -27.93
N LYS F 106 -14.19 -36.60 -27.48
CA LYS F 106 -14.88 -37.77 -26.94
C LYS F 106 -14.94 -38.91 -27.94
N PRO F 107 -15.51 -38.68 -29.14
CA PRO F 107 -15.54 -39.74 -30.15
C PRO F 107 -14.12 -40.05 -30.62
N GLY F 108 -13.31 -39.01 -30.73
CA GLY F 108 -11.95 -39.15 -31.22
C GLY F 108 -11.11 -40.12 -30.43
N ILE F 109 -11.26 -40.10 -29.10
CA ILE F 109 -10.52 -41.01 -28.24
C ILE F 109 -10.89 -42.47 -28.51
N VAL F 110 -12.17 -42.75 -28.64
CA VAL F 110 -12.64 -44.09 -28.94
C VAL F 110 -12.02 -44.56 -30.24
N MSE F 111 -11.98 -43.66 -31.20
CA MSE F 111 -11.42 -43.95 -32.50
C MSE F 111 -9.95 -44.33 -32.41
O MSE F 111 -9.54 -45.38 -32.94
CB MSE F 111 -11.59 -42.73 -33.40
CG MSE F 111 -11.69 -43.05 -34.85
SE MSE F 111 -10.63 -41.79 -35.86
CE MSE F 111 -8.89 -42.38 -35.21
N CYS F 112 -9.16 -43.49 -31.74
CA CYS F 112 -7.74 -43.75 -31.52
C CYS F 112 -7.50 -45.15 -30.97
N ARG F 113 -8.26 -45.54 -29.96
CA ARG F 113 -8.12 -46.87 -29.38
C ARG F 113 -8.48 -47.99 -30.36
N GLU F 114 -9.56 -47.81 -31.13
CA GLU F 114 -9.90 -48.73 -32.20
C GLU F 114 -8.73 -48.92 -33.17
N LYS F 115 -8.07 -47.81 -33.48
CA LYS F 115 -6.93 -47.80 -34.40
C LYS F 115 -5.68 -48.29 -33.68
N GLN F 116 -5.85 -48.66 -32.42
CA GLN F 116 -4.74 -49.19 -31.63
C GLN F 116 -3.61 -48.17 -31.43
N ASP F 117 -3.97 -46.89 -31.39
CA ASP F 117 -3.01 -45.85 -31.03
C ASP F 117 -3.31 -45.33 -29.62
N THR F 118 -2.81 -46.02 -28.60
CA THR F 118 -3.16 -45.71 -27.22
C THR F 118 -2.40 -44.50 -26.68
N THR F 119 -1.19 -44.27 -27.17
CA THR F 119 -0.42 -43.12 -26.70
C THR F 119 -1.13 -41.83 -27.10
N SER F 120 -1.62 -41.78 -28.33
CA SER F 120 -2.42 -40.65 -28.77
C SER F 120 -3.72 -40.57 -27.95
N ALA F 121 -4.33 -41.71 -27.70
CA ALA F 121 -5.57 -41.77 -26.93
C ALA F 121 -5.37 -41.20 -25.53
N VAL F 122 -4.28 -41.61 -24.88
CA VAL F 122 -3.99 -41.16 -23.52
C VAL F 122 -3.73 -39.67 -23.50
N LEU F 123 -3.01 -39.17 -24.50
CA LEU F 123 -2.78 -37.74 -24.64
C LEU F 123 -4.10 -36.97 -24.65
N LEU F 124 -5.07 -37.48 -25.40
CA LEU F 124 -6.35 -36.80 -25.54
C LEU F 124 -7.25 -36.98 -24.30
N GLU F 125 -7.11 -38.12 -23.62
CA GLU F 125 -7.85 -38.36 -22.39
C GLU F 125 -7.47 -37.35 -21.33
N LYS F 126 -6.21 -36.98 -21.28
CA LYS F 126 -5.72 -35.99 -20.33
C LYS F 126 -6.18 -34.57 -20.67
N ILE F 127 -6.22 -34.25 -21.95
CA ILE F 127 -6.70 -32.95 -22.40
C ILE F 127 -8.18 -32.77 -22.07
N VAL F 128 -8.96 -33.83 -22.27
CA VAL F 128 -10.38 -33.83 -21.92
C VAL F 128 -10.56 -33.60 -20.41
N ALA F 129 -9.73 -34.28 -19.61
CA ALA F 129 -9.76 -34.09 -18.16
C ALA F 129 -9.50 -32.64 -17.79
N ASP F 130 -8.51 -32.04 -18.44
CA ASP F 130 -8.16 -30.64 -18.19
C ASP F 130 -9.31 -29.72 -18.54
N GLU F 131 -9.88 -29.90 -19.74
CA GLU F 131 -10.93 -29.02 -20.22
C GLU F 131 -12.19 -29.13 -19.36
N GLU F 132 -12.48 -30.34 -18.89
CA GLU F 132 -13.65 -30.53 -18.03
C GLU F 132 -13.52 -29.64 -16.81
N GLU F 133 -12.30 -29.52 -16.28
CA GLU F 133 -12.05 -28.67 -15.12
C GLU F 133 -12.20 -27.19 -15.43
N HIS F 134 -11.76 -26.77 -16.61
CA HIS F 134 -11.84 -25.37 -17.00
C HIS F 134 -13.28 -24.96 -17.32
N ILE F 135 -14.02 -25.87 -17.96
CA ILE F 135 -15.45 -25.68 -18.19
C ILE F 135 -16.15 -25.44 -16.86
N ASP F 136 -15.83 -26.25 -15.86
CA ASP F 136 -16.44 -26.10 -14.55
C ASP F 136 -16.10 -24.75 -13.92
N TYR F 137 -14.86 -24.32 -14.11
CA TYR F 137 -14.45 -23.02 -13.60
C TYR F 137 -15.29 -21.91 -14.22
N LEU F 138 -15.43 -21.96 -15.55
CA LEU F 138 -16.15 -20.93 -16.29
C LEU F 138 -17.64 -20.91 -15.95
N GLU F 139 -18.26 -22.08 -15.96
CA GLU F 139 -19.68 -22.20 -15.61
C GLU F 139 -19.92 -21.69 -14.19
N THR F 140 -18.98 -21.96 -13.30
CA THR F 140 -19.08 -21.52 -11.92
C THR F 140 -18.98 -19.99 -11.81
N GLN F 141 -18.12 -19.38 -12.61
CA GLN F 141 -18.00 -17.93 -12.59
C GLN F 141 -19.30 -17.30 -13.08
N LEU F 142 -19.90 -17.89 -14.10
CA LEU F 142 -21.16 -17.40 -14.63
C LEU F 142 -22.26 -17.46 -13.57
N GLU F 143 -22.29 -18.56 -12.82
CA GLU F 143 -23.24 -18.71 -11.73
C GLU F 143 -23.00 -17.70 -10.63
N LEU F 144 -21.73 -17.35 -10.40
CA LEU F 144 -21.38 -16.40 -9.35
C LEU F 144 -21.85 -14.99 -9.68
N MSE F 145 -21.79 -14.63 -10.95
CA MSE F 145 -22.28 -13.33 -11.39
C MSE F 145 -23.78 -13.21 -11.10
O MSE F 145 -24.26 -12.14 -10.72
CB MSE F 145 -22.02 -13.12 -12.88
CG MSE F 145 -20.55 -13.08 -13.25
SE MSE F 145 -20.25 -12.51 -15.09
CE MSE F 145 -21.04 -10.74 -15.00
N ASP F 146 -24.50 -14.31 -11.26
CA ASP F 146 -25.93 -14.33 -10.99
C ASP F 146 -26.22 -14.21 -9.49
N LYS F 147 -25.44 -14.92 -8.68
CA LYS F 147 -25.65 -14.93 -7.24
C LYS F 147 -25.24 -13.61 -6.59
N LEU F 148 -24.14 -13.03 -7.03
CA LEU F 148 -23.63 -11.79 -6.44
C LEU F 148 -24.15 -10.55 -7.14
N GLY F 149 -24.43 -10.68 -8.43
CA GLY F 149 -24.66 -9.54 -9.29
C GLY F 149 -23.38 -9.19 -10.00
N GLU F 150 -23.49 -8.60 -11.19
CA GLU F 150 -22.31 -8.28 -12.00
C GLU F 150 -21.33 -7.36 -11.31
N GLU F 151 -21.82 -6.22 -10.83
CA GLU F 151 -20.95 -5.24 -10.17
C GLU F 151 -20.20 -5.87 -9.00
N LEU F 152 -20.92 -6.54 -8.12
CA LEU F 152 -20.31 -7.10 -6.93
C LEU F 152 -19.32 -8.20 -7.29
N TYR F 153 -19.62 -8.97 -8.34
CA TYR F 153 -18.67 -9.97 -8.79
C TYR F 153 -17.40 -9.29 -9.29
N SER F 154 -17.58 -8.27 -10.12
CA SER F 154 -16.46 -7.55 -10.73
C SER F 154 -15.54 -6.93 -9.69
N ALA F 155 -16.10 -6.47 -8.58
CA ALA F 155 -15.32 -5.85 -7.51
C ALA F 155 -14.33 -6.84 -6.90
N GLN F 156 -14.59 -8.14 -7.09
CA GLN F 156 -13.69 -9.19 -6.59
C GLN F 156 -12.54 -9.46 -7.58
N CYS F 157 -12.55 -8.77 -8.72
CA CYS F 157 -11.57 -9.01 -9.76
C CYS F 157 -10.58 -7.85 -9.88
N VAL F 158 -10.74 -6.85 -9.02
CA VAL F 158 -9.81 -5.73 -8.99
C VAL F 158 -8.93 -5.84 -7.76
N SER F 159 -7.82 -5.12 -7.78
CA SER F 159 -6.93 -5.10 -6.61
C SER F 159 -7.33 -3.97 -5.66
N ARG F 160 -6.68 -3.92 -4.50
CA ARG F 160 -6.89 -2.85 -3.54
C ARG F 160 -5.59 -2.11 -3.32
N PRO F 161 -5.47 -0.91 -3.89
CA PRO F 161 -6.53 -0.25 -4.66
C PRO F 161 -6.56 -0.77 -6.09
N PRO F 162 -7.63 -0.45 -6.84
CA PRO F 162 -7.71 -0.82 -8.26
C PRO F 162 -6.58 -0.19 -9.07
N THR F 163 -5.92 -0.99 -9.89
CA THR F 163 -4.86 -0.48 -10.75
C THR F 163 -5.23 -0.65 -12.23
N SER F 164 -4.22 -0.75 -13.08
CA SER F 164 -4.46 -0.96 -14.51
C SER F 164 -3.36 -1.86 -15.06
N ALA F 165 -3.33 -1.99 -16.38
CA ALA F 165 -2.35 -2.86 -17.02
C ALA F 165 -0.92 -2.43 -16.72
N TRP F 166 -0.75 -1.21 -16.25
CA TRP F 166 0.58 -0.64 -16.04
C TRP F 166 0.79 -0.10 -14.63
FE FE G . -10.51 -13.86 40.37
FE FE H . -6.16 -13.48 42.63
UNK UNX I . 19.59 -9.58 53.63
UNK UNX J . 20.60 -11.17 47.35
O1A UNL K . -3.93 -9.57 29.60
CGA UNL K . -4.91 -8.93 29.40
O2A UNL K . -4.80 -7.52 29.47
CBA UNL K . -6.05 -9.59 28.59
CAA UNL K . -7.56 -9.30 28.96
C2A UNL K . -7.94 -8.12 29.92
C3A UNL K . -9.45 -7.71 29.99
CMA UNL K . -10.42 -8.70 30.60
C1A UNL K . -7.25 -6.76 29.64
OA UNL K . -6.87 -6.55 28.30
NA UNL K . -8.18 -5.71 30.24
C4A UNL K . -9.36 -6.43 30.84
CHB UNL K . -10.70 -5.64 31.05
C1B UNL K . -10.28 -4.21 31.52
NB UNL K . -9.29 -4.09 32.64
C2B UNL K . -11.40 -3.19 31.92
CMB UNL K . -12.36 -2.80 30.81
C3B UNL K . -10.62 -2.05 32.70
CAB UNL K . -11.37 -1.13 33.71
CBB UNL K . -11.05 0.15 33.82
C4B UNL K . -9.30 -2.68 33.21
CHC UNL K . -8.93 -2.50 34.74
C1C UNL K . -7.51 -1.86 34.77
NC UNL K . -7.02 -1.10 33.56
C2C UNL K . -7.07 -0.98 35.99
CMC UNL K . -6.98 -1.63 37.37
C3C UNL K . -5.75 -0.36 35.47
CAC UNL K . -5.03 0.68 36.34
CBC UNL K . -4.03 1.36 35.83
C4C UNL K . -6.16 0.07 34.03
CHD UNL K . -5.06 0.71 33.15
C1D UNL K . -4.00 -0.31 32.61
C2D UNL K . -2.57 -0.11 32.64
CMD UNL K . -1.86 1.05 33.34
ND UNL K . -4.27 -1.60 31.88
C4D UNL K . -2.98 -2.16 31.48
OD UNL K . -2.78 -3.36 30.78
C3D UNL K . -1.91 -1.26 31.96
CAD UNL K . -0.38 -1.46 31.70
CBD UNL K . 0.07 -1.25 30.24
CGD UNL K . -0.41 -2.31 29.22
O2D UNL K . -0.43 -3.46 29.54
O1D UNL K . -0.95 -1.94 27.97
FE FE L . -7.66 9.59 27.06
FE FE M . -8.45 7.60 22.67
FE FE N . 5.37 14.60 -15.87
FE FE O . 4.29 10.31 -14.33
O1A UNL P . 11.63 13.08 2.01
CGA UNL P . 10.56 13.58 1.89
O2A UNL P . 10.10 13.85 0.57
CBA UNL P . 9.56 13.50 3.07
CAA UNL P . 8.40 14.57 3.20
C2A UNL P . 7.88 15.28 1.89
C3A UNL P . 6.53 16.05 2.01
CMA UNL P . 6.45 17.31 2.83
C1A UNL P . 7.54 14.32 0.72
OA UNL P . 7.27 13.00 1.14
NA UNL P . 6.43 15.03 -0.08
C4A UNL P . 6.26 16.39 0.55
CHB UNL P . 4.95 17.23 0.39
C1B UNL P . 5.17 18.30 -0.75
NB UNL P . 6.22 19.36 -0.54
C2B UNL P . 5.61 17.68 -2.10
CMB UNL P . 4.79 16.60 -2.79
C3B UNL P . 6.29 18.84 -2.91
CAB UNL P . 7.08 18.49 -4.17
CBB UNL P . 7.08 19.33 -5.21
C4B UNL P . 7.07 19.56 -1.79
CHC UNL P . 7.60 21.00 -2.13
C1C UNL P . 8.75 20.96 -3.18
NC UNL P . 9.42 19.68 -3.64
C2C UNL P . 8.59 21.75 -4.51
CMC UNL P . 8.04 23.18 -4.30
C3C UNL P . 10.00 21.53 -5.11
CAC UNL P . 10.41 22.13 -6.45
CBC UNL P . 11.10 21.42 -7.31
C4C UNL P . 10.28 20.00 -4.86
CHD UNL P . 10.33 19.03 -6.07
C1D UNL P . 11.22 17.77 -5.79
C2D UNL P . 12.36 17.31 -6.59
CMD UNL P . 12.91 17.96 -7.88
ND UNL P . 11.04 16.83 -4.63
C4D UNL P . 12.07 15.81 -4.72
OD UNL P . 12.25 14.75 -3.84
C3D UNL P . 12.90 16.08 -5.92
CAD UNL P . 14.13 15.24 -6.35
CBD UNL P . 13.88 13.85 -7.00
CGD UNL P . 13.35 12.74 -6.07
O2D UNL P . 13.57 12.79 -4.90
O1D UNL P . 12.80 11.58 -6.64
FE FE Q . 11.19 25.14 8.30
FE FE R . 15.91 24.35 7.63
FE FE S . 10.04 -9.03 -35.16
FE FE T . 13.52 -11.94 -34.97
UNK UNX U . 33.69 -31.81 -33.77
O1A UNL V . 4.59 -13.57 -23.96
CGA UNL V . 3.88 -14.14 -24.71
O2A UNL V . 4.10 -15.53 -24.90
CBA UNL V . 2.45 -13.59 -24.93
CAA UNL V . 1.98 -13.14 -26.36
C2A UNL V . 1.39 -14.25 -27.31
C3A UNL V . 2.36 -14.84 -28.37
CMA UNL V . 3.34 -15.80 -27.75
C1A UNL V . 0.05 -13.99 -28.03
OA UNL V . -1.10 -14.39 -27.30
NA UNL V . 0.18 -14.66 -29.40
C4A UNL V . 1.40 -15.52 -29.34
CHB UNL V . 1.89 -16.41 -30.55
C1B UNL V . 1.10 -17.78 -30.46
NB UNL V . 1.57 -19.03 -31.14
C2B UNL V . 0.72 -18.31 -29.04
CMB UNL V . 0.12 -17.40 -27.97
C3B UNL V . 0.22 -19.79 -29.27
CAB UNL V . 0.52 -20.81 -28.17
CBB UNL V . 0.30 -20.46 -26.92
C4B UNL V . 0.69 -20.20 -30.68
CHC UNL V . 1.12 -21.71 -30.91
C1C UNL V . 2.38 -22.19 -30.11
NC UNL V . 2.26 -23.05 -28.88
C2C UNL V . 3.55 -21.20 -29.80
CMC UNL V . 4.38 -20.77 -31.02
C3C UNL V . 4.28 -21.73 -28.53
CAC UNL V . 5.80 -21.65 -28.54
CBC UNL V . 6.49 -21.83 -27.44
C4C UNL V . 3.67 -23.15 -28.31
CHD UNL V . 4.10 -24.20 -27.23
C1D UNL V . 4.67 -23.68 -25.85
C2D UNL V . 5.99 -24.03 -25.36
CMD UNL V . 7.03 -24.82 -26.15
ND UNL V . 4.00 -22.87 -24.78
C4D UNL V . 4.92 -22.74 -23.65
OD UNL V . 4.66 -22.05 -22.46
C3D UNL V . 6.18 -23.44 -23.99
CAD UNL V . 7.44 -23.60 -23.07
CBD UNL V . 7.28 -23.42 -21.54
CGD UNL V . 7.57 -22.02 -20.96
O2D UNL V . 8.62 -21.84 -20.43
O1D UNL V . 6.89 -20.93 -21.52
FE FE W . -7.15 -27.41 -24.54
FE FE X . -8.15 -25.36 -20.86
#